data_3IAA
#
_entry.id   3IAA
#
_cell.length_a   88.787
_cell.length_b   48.539
_cell.length_c   107.565
_cell.angle_alpha   90.000
_cell.angle_beta   101.790
_cell.angle_gamma   90.000
#
_symmetry.space_group_name_H-M   'P 1 21 1'
#
loop_
_entity.id
_entity.type
_entity.pdbx_description
1 polymer CalG2
2 non-polymer "THYMIDINE-5'-DIPHOSPHATE"
3 water water
#
_entity_poly.entity_id   1
_entity_poly.type   'polypeptide(L)'
_entity_poly.pdbx_seq_one_letter_code
;(MSE)GHHHHHHHHSSGHIEGRH(MSE)AHLLIVNVASHGLILPTLTVVTELVRRGHRVSYVTAGGFAEPVRAAGATVVP
YQSEIIDADAAEVFGSDDLGVRPHL(MSE)YLRENVSVLRATAEALDGDVPDLVLYDDFPFIAGQLLAARWRRPAVRLSA
AFASNEHYSFSQD(MSE)VTLAGTIDPLDLPVFRDTLRDLLAEHGLSRSVVDCWNHVEQLNLVFVPKAFQIAGDTFDDRF
VFVGPCFDDRRFLGEWTRPADDLPVVLVSLGTTFNDRPGFFRDCARAFDGQPWHVV(MSE)TLGGQVDPAALGDLPPNVE
AHRWVPHVKVLEQATVCVTHGG(MSE)GTL(MSE)EALYWGRPLVVVPQSFDVQP(MSE)ARRVDQLGLGAVLPGEKADG
DTLLAAVGAVAADPALLARVEA(MSE)RGHVRRAGGAARAADAVEAYLARAR
;
_entity_poly.pdbx_strand_id   A,B
#
loop_
_chem_comp.id
_chem_comp.type
_chem_comp.name
_chem_comp.formula
TYD non-polymer THYMIDINE-5'-DIPHOSPHATE 'C10 H16 N2 O11 P2'
#
# COMPACT_ATOMS: atom_id res chain seq x y z
N MSE A 20 -21.84 -35.78 -1.72
CA MSE A 20 -22.23 -34.89 -2.79
C MSE A 20 -22.92 -33.72 -2.20
O MSE A 20 -23.55 -33.85 -1.19
CB MSE A 20 -23.15 -35.59 -3.76
CG MSE A 20 -22.43 -36.15 -4.99
SE MSE A 20 -20.89 -37.27 -4.70
CE MSE A 20 -19.66 -36.20 -5.62
N ALA A 21 -22.76 -32.57 -2.84
CA ALA A 21 -23.12 -31.32 -2.21
C ALA A 21 -23.68 -30.29 -3.15
N HIS A 22 -24.24 -29.25 -2.59
CA HIS A 22 -24.66 -28.11 -3.39
C HIS A 22 -23.73 -26.94 -3.10
N LEU A 23 -22.87 -26.64 -4.07
CA LEU A 23 -21.89 -25.57 -3.93
C LEU A 23 -22.36 -24.30 -4.64
N LEU A 24 -22.40 -23.20 -3.90
CA LEU A 24 -22.73 -21.92 -4.49
C LEU A 24 -21.46 -21.13 -4.76
N ILE A 25 -21.31 -20.67 -6.00
CA ILE A 25 -20.20 -19.79 -6.33
C ILE A 25 -20.70 -18.35 -6.49
N VAL A 26 -20.35 -17.52 -5.53
CA VAL A 26 -20.72 -16.11 -5.57
C VAL A 26 -19.64 -15.32 -6.29
N ASN A 27 -19.99 -14.76 -7.44
CA ASN A 27 -19.03 -14.00 -8.24
C ASN A 27 -19.69 -12.82 -8.93
N VAL A 28 -18.87 -11.97 -9.56
CA VAL A 28 -19.39 -10.81 -10.28
C VAL A 28 -19.00 -10.87 -11.75
N ALA A 29 -19.70 -10.08 -12.57
CA ALA A 29 -19.54 -10.11 -14.01
C ALA A 29 -18.23 -9.46 -14.46
N SER A 30 -17.17 -10.26 -14.48
CA SER A 30 -15.83 -9.79 -14.87
C SER A 30 -14.98 -10.96 -15.37
N HIS A 31 -14.37 -10.80 -16.54
CA HIS A 31 -13.61 -11.89 -17.16
C HIS A 31 -12.54 -12.47 -16.22
N GLY A 32 -11.68 -11.60 -15.72
CA GLY A 32 -10.61 -12.01 -14.85
C GLY A 32 -11.05 -12.80 -13.64
N LEU A 33 -12.25 -12.51 -13.13
CA LEU A 33 -12.74 -13.15 -11.92
C LEU A 33 -13.45 -14.47 -12.18
N ILE A 34 -13.99 -14.62 -13.39
CA ILE A 34 -14.77 -15.80 -13.74
C ILE A 34 -13.98 -16.88 -14.48
N LEU A 35 -13.07 -16.47 -15.35
CA LEU A 35 -12.30 -17.45 -16.13
C LEU A 35 -11.59 -18.53 -15.30
N PRO A 36 -10.89 -18.14 -14.23
CA PRO A 36 -10.16 -19.15 -13.45
C PRO A 36 -11.10 -20.13 -12.74
N THR A 37 -12.35 -19.72 -12.58
CA THR A 37 -13.35 -20.50 -11.86
C THR A 37 -13.92 -21.64 -12.72
N LEU A 38 -13.93 -21.44 -14.02
CA LEU A 38 -14.66 -22.32 -14.92
C LEU A 38 -14.27 -23.80 -14.83
N THR A 39 -13.00 -24.11 -15.09
CA THR A 39 -12.54 -25.50 -15.06
C THR A 39 -12.73 -26.12 -13.68
N VAL A 40 -12.69 -25.28 -12.65
CA VAL A 40 -12.95 -25.73 -11.29
C VAL A 40 -14.38 -26.23 -11.14
N VAL A 41 -15.34 -25.46 -11.66
CA VAL A 41 -16.74 -25.87 -11.65
C VAL A 41 -16.91 -27.22 -12.32
N THR A 42 -16.32 -27.35 -13.51
CA THR A 42 -16.39 -28.58 -14.30
C THR A 42 -15.83 -29.80 -13.57
N GLU A 43 -14.84 -29.58 -12.70
CA GLU A 43 -14.24 -30.68 -11.94
C GLU A 43 -15.16 -31.14 -10.82
N LEU A 44 -15.67 -30.19 -10.03
CA LEU A 44 -16.61 -30.50 -8.96
C LEU A 44 -17.82 -31.23 -9.52
N VAL A 45 -18.40 -30.67 -10.57
CA VAL A 45 -19.53 -31.30 -11.25
C VAL A 45 -19.18 -32.70 -11.72
N ARG A 46 -18.00 -32.84 -12.32
CA ARG A 46 -17.54 -34.14 -12.78
C ARG A 46 -17.54 -35.13 -11.62
N ARG A 47 -17.20 -34.62 -10.44
CA ARG A 47 -17.17 -35.45 -9.24
C ARG A 47 -18.56 -35.67 -8.66
N GLY A 48 -19.56 -35.06 -9.29
CA GLY A 48 -20.94 -35.31 -8.94
C GLY A 48 -21.66 -34.21 -8.19
N HIS A 49 -20.89 -33.26 -7.66
CA HIS A 49 -21.47 -32.15 -6.91
C HIS A 49 -22.34 -31.28 -7.79
N ARG A 50 -23.26 -30.53 -7.18
CA ARG A 50 -24.16 -29.66 -7.92
C ARG A 50 -23.82 -28.19 -7.66
N VAL A 51 -23.55 -27.45 -8.74
CA VAL A 51 -23.03 -26.08 -8.59
C VAL A 51 -23.98 -24.97 -9.04
N SER A 52 -24.29 -24.07 -8.11
CA SER A 52 -24.99 -22.83 -8.43
C SER A 52 -23.93 -21.76 -8.62
N TYR A 53 -24.11 -20.90 -9.61
CA TYR A 53 -23.11 -19.88 -9.93
C TYR A 53 -23.76 -18.52 -10.16
N VAL A 54 -23.34 -17.53 -9.36
CA VAL A 54 -23.87 -16.18 -9.48
C VAL A 54 -23.15 -15.41 -10.57
N THR A 55 -23.91 -14.99 -11.58
CA THR A 55 -23.33 -14.26 -12.70
C THR A 55 -24.39 -13.41 -13.39
N ALA A 56 -23.95 -12.54 -14.29
CA ALA A 56 -24.87 -11.67 -15.02
C ALA A 56 -24.53 -11.64 -16.50
N GLY A 57 -25.52 -11.35 -17.33
CA GLY A 57 -25.30 -11.14 -18.75
C GLY A 57 -24.70 -12.31 -19.51
N GLY A 58 -23.84 -11.99 -20.46
CA GLY A 58 -23.30 -12.96 -21.40
C GLY A 58 -22.38 -14.01 -20.80
N PHE A 59 -22.00 -13.83 -19.54
CA PHE A 59 -21.17 -14.79 -18.86
C PHE A 59 -21.98 -16.04 -18.54
N ALA A 60 -23.30 -15.89 -18.59
CA ALA A 60 -24.22 -16.99 -18.31
C ALA A 60 -23.95 -18.18 -19.23
N GLU A 61 -23.64 -17.89 -20.49
CA GLU A 61 -23.42 -18.94 -21.48
C GLU A 61 -22.21 -19.82 -21.15
N PRO A 62 -21.02 -19.21 -20.96
CA PRO A 62 -19.84 -20.02 -20.62
C PRO A 62 -20.00 -20.73 -19.29
N VAL A 63 -20.65 -20.08 -18.33
CA VAL A 63 -20.87 -20.66 -17.01
C VAL A 63 -21.77 -21.90 -17.08
N ARG A 64 -22.82 -21.82 -17.88
CA ARG A 64 -23.66 -23.00 -18.11
C ARG A 64 -22.84 -24.10 -18.73
N ALA A 65 -22.01 -23.73 -19.71
CA ALA A 65 -21.14 -24.68 -20.37
C ALA A 65 -20.27 -25.43 -19.37
N ALA A 66 -19.68 -24.69 -18.43
CA ALA A 66 -18.83 -25.29 -17.41
C ALA A 66 -19.61 -26.33 -16.60
N GLY A 67 -20.92 -26.29 -16.70
CA GLY A 67 -21.79 -27.28 -16.08
C GLY A 67 -22.52 -26.82 -14.84
N ALA A 68 -22.62 -25.52 -14.66
CA ALA A 68 -23.27 -24.97 -13.46
C ALA A 68 -24.64 -24.41 -13.78
N THR A 69 -25.42 -24.15 -12.73
CA THR A 69 -26.73 -23.54 -12.88
C THR A 69 -26.62 -22.06 -12.59
N VAL A 70 -27.06 -21.23 -13.54
CA VAL A 70 -26.88 -19.79 -13.45
C VAL A 70 -27.90 -19.12 -12.53
N VAL A 71 -27.40 -18.37 -11.56
CA VAL A 71 -28.22 -17.47 -10.75
C VAL A 71 -27.94 -16.05 -11.20
N PRO A 72 -28.85 -15.46 -11.98
CA PRO A 72 -28.67 -14.10 -12.48
C PRO A 72 -28.83 -13.03 -11.40
N TYR A 73 -28.03 -11.97 -11.50
CA TYR A 73 -28.19 -10.79 -10.68
C TYR A 73 -28.01 -9.59 -11.58
N GLN A 74 -28.64 -8.47 -11.24
CA GLN A 74 -28.54 -7.28 -12.08
C GLN A 74 -27.23 -6.56 -11.80
N SER A 75 -26.35 -6.50 -12.80
CA SER A 75 -25.00 -6.00 -12.60
C SER A 75 -24.75 -4.62 -13.18
N GLU A 76 -23.97 -3.83 -12.45
CA GLU A 76 -23.63 -2.48 -12.87
C GLU A 76 -22.25 -2.42 -13.52
N ILE A 77 -21.32 -3.24 -13.04
CA ILE A 77 -19.93 -3.18 -13.51
C ILE A 77 -19.74 -3.84 -14.87
N ILE A 78 -20.66 -4.72 -15.25
CA ILE A 78 -20.57 -5.45 -16.50
C ILE A 78 -20.55 -4.49 -17.68
N ASP A 79 -21.34 -3.42 -17.59
CA ASP A 79 -21.39 -2.42 -18.65
C ASP A 79 -20.94 -1.04 -18.16
N ALA A 80 -19.85 -1.03 -17.41
CA ALA A 80 -19.28 0.22 -16.92
C ALA A 80 -17.87 0.37 -17.47
N ASP A 81 -17.45 1.61 -17.68
CA ASP A 81 -16.11 1.88 -18.20
C ASP A 81 -15.21 2.28 -17.03
N ALA A 82 -14.33 1.36 -16.64
CA ALA A 82 -13.49 1.58 -15.46
C ALA A 82 -12.78 2.93 -15.48
N ALA A 83 -12.20 3.28 -16.61
CA ALA A 83 -11.44 4.52 -16.73
C ALA A 83 -12.31 5.71 -16.39
N GLU A 84 -13.53 5.71 -16.92
CA GLU A 84 -14.48 6.78 -16.66
C GLU A 84 -14.95 6.78 -15.21
N VAL A 85 -15.37 5.60 -14.75
CA VAL A 85 -15.88 5.46 -13.39
C VAL A 85 -14.87 5.99 -12.38
N PHE A 86 -13.59 5.69 -12.61
CA PHE A 86 -12.52 6.16 -11.73
C PHE A 86 -12.12 7.60 -11.99
N GLY A 87 -12.49 8.12 -13.16
CA GLY A 87 -12.19 9.49 -13.51
C GLY A 87 -13.17 10.48 -12.93
N SER A 88 -14.37 10.01 -12.64
CA SER A 88 -15.47 10.86 -12.20
C SER A 88 -15.09 11.90 -11.14
N ASP A 89 -14.63 11.43 -9.98
CA ASP A 89 -14.24 12.33 -8.89
C ASP A 89 -12.86 11.98 -8.31
N ASP A 90 -12.35 12.87 -7.45
CA ASP A 90 -10.96 12.76 -7.01
C ASP A 90 -10.73 11.85 -5.79
N LEU A 91 -11.81 11.48 -5.12
CA LEU A 91 -11.71 10.65 -3.93
C LEU A 91 -11.97 9.18 -4.25
N GLY A 92 -12.67 8.94 -5.36
CA GLY A 92 -13.05 7.60 -5.73
C GLY A 92 -14.35 7.21 -5.06
N VAL A 93 -15.22 8.20 -4.82
CA VAL A 93 -16.51 7.95 -4.20
C VAL A 93 -17.41 7.11 -5.09
N ARG A 94 -17.42 7.41 -6.38
CA ARG A 94 -18.25 6.67 -7.32
C ARG A 94 -17.87 5.19 -7.43
N PRO A 95 -16.57 4.88 -7.50
CA PRO A 95 -16.19 3.46 -7.54
C PRO A 95 -16.61 2.74 -6.26
N HIS A 96 -16.29 3.33 -5.11
CA HIS A 96 -16.59 2.71 -3.82
C HIS A 96 -18.08 2.40 -3.68
N LEU A 97 -18.92 3.37 -4.03
CA LEU A 97 -20.35 3.21 -3.86
C LEU A 97 -20.92 2.20 -4.85
N MSE A 98 -20.33 2.15 -6.04
CA MSE A 98 -20.72 1.16 -7.02
C MSE A 98 -20.34 -0.22 -6.50
O MSE A 98 -21.05 -1.20 -6.68
CB MSE A 98 -20.00 1.41 -8.34
CG MSE A 98 -20.51 0.54 -9.47
SE MSE A 98 -19.52 0.91 -11.09
CE MSE A 98 -20.88 0.42 -12.40
N TYR A 99 -19.19 -0.27 -5.83
CA TYR A 99 -18.69 -1.51 -5.27
C TYR A 99 -19.71 -2.13 -4.32
N LEU A 100 -20.26 -1.30 -3.43
CA LEU A 100 -21.28 -1.77 -2.50
C LEU A 100 -22.55 -2.18 -3.22
N ARG A 101 -23.03 -1.32 -4.12
CA ARG A 101 -24.24 -1.64 -4.88
C ARG A 101 -24.10 -3.00 -5.54
N GLU A 102 -22.96 -3.24 -6.19
CA GLU A 102 -22.71 -4.52 -6.82
C GLU A 102 -22.84 -5.64 -5.80
N ASN A 103 -22.16 -5.48 -4.66
CA ASN A 103 -22.30 -6.42 -3.56
C ASN A 103 -23.76 -6.62 -3.12
N VAL A 104 -24.46 -5.51 -2.89
CA VAL A 104 -25.84 -5.57 -2.42
C VAL A 104 -26.76 -6.21 -3.46
N SER A 105 -26.58 -5.84 -4.71
CA SER A 105 -27.35 -6.42 -5.80
C SER A 105 -27.14 -7.94 -5.87
N VAL A 106 -25.93 -8.38 -5.56
CA VAL A 106 -25.59 -9.81 -5.58
C VAL A 106 -26.18 -10.51 -4.37
N LEU A 107 -26.11 -9.84 -3.22
CA LEU A 107 -26.68 -10.35 -1.98
C LEU A 107 -28.17 -10.67 -2.12
N ARG A 108 -28.95 -9.68 -2.56
CA ARG A 108 -30.40 -9.82 -2.69
C ARG A 108 -30.82 -10.93 -3.67
N ALA A 109 -30.19 -10.96 -4.84
CA ALA A 109 -30.52 -11.92 -5.89
C ALA A 109 -30.29 -13.36 -5.46
N THR A 110 -29.10 -13.63 -4.92
CA THR A 110 -28.75 -14.95 -4.47
C THR A 110 -29.65 -15.40 -3.32
N ALA A 111 -29.88 -14.51 -2.36
CA ALA A 111 -30.75 -14.81 -1.23
C ALA A 111 -32.14 -15.18 -1.74
N GLU A 112 -32.66 -14.37 -2.65
CA GLU A 112 -33.95 -14.65 -3.28
C GLU A 112 -33.98 -16.05 -3.90
N ALA A 113 -32.93 -16.40 -4.61
CA ALA A 113 -32.92 -17.66 -5.37
C ALA A 113 -32.66 -18.88 -4.52
N LEU A 114 -31.80 -18.76 -3.50
CA LEU A 114 -31.32 -19.93 -2.77
C LEU A 114 -31.85 -20.07 -1.34
N ASP A 115 -32.64 -19.09 -0.88
CA ASP A 115 -33.25 -19.20 0.44
C ASP A 115 -34.02 -20.51 0.56
N GLY A 116 -34.61 -20.94 -0.54
CA GLY A 116 -35.35 -22.19 -0.57
C GLY A 116 -34.51 -23.37 -1.03
N ASP A 117 -33.25 -23.11 -1.35
CA ASP A 117 -32.35 -24.16 -1.80
C ASP A 117 -30.94 -23.93 -1.22
N VAL A 118 -30.89 -23.75 0.09
CA VAL A 118 -29.64 -23.48 0.78
C VAL A 118 -28.50 -24.40 0.36
N PRO A 119 -27.34 -23.81 0.04
CA PRO A 119 -26.13 -24.55 -0.34
C PRO A 119 -25.42 -25.13 0.89
N ASP A 120 -24.64 -26.18 0.68
CA ASP A 120 -23.86 -26.77 1.75
C ASP A 120 -22.59 -25.95 1.99
N LEU A 121 -22.20 -25.20 0.97
CA LEU A 121 -20.94 -24.48 0.98
C LEU A 121 -21.04 -23.23 0.12
N VAL A 122 -20.54 -22.12 0.64
CA VAL A 122 -20.56 -20.86 -0.10
C VAL A 122 -19.16 -20.45 -0.52
N LEU A 123 -18.90 -20.50 -1.82
CA LEU A 123 -17.63 -20.03 -2.37
C LEU A 123 -17.81 -18.65 -3.00
N TYR A 124 -17.04 -17.67 -2.53
CA TYR A 124 -17.16 -16.32 -3.04
C TYR A 124 -15.81 -15.71 -3.43
N ASP A 125 -15.83 -14.92 -4.50
CA ASP A 125 -14.62 -14.22 -4.96
C ASP A 125 -14.38 -12.98 -4.10
N ASP A 126 -13.15 -12.48 -4.09
CA ASP A 126 -12.78 -11.28 -3.34
C ASP A 126 -13.79 -10.14 -3.49
N PHE A 127 -14.14 -9.82 -4.74
CA PHE A 127 -15.03 -8.69 -5.03
C PHE A 127 -16.35 -8.77 -4.24
N PRO A 128 -17.14 -9.83 -4.48
CA PRO A 128 -18.41 -9.92 -3.74
C PRO A 128 -18.22 -10.53 -2.35
N PHE A 129 -17.10 -10.25 -1.69
CA PHE A 129 -16.81 -10.86 -0.40
C PHE A 129 -17.74 -10.41 0.72
N ILE A 130 -18.29 -9.20 0.61
CA ILE A 130 -19.26 -8.75 1.59
C ILE A 130 -20.55 -9.55 1.47
N ALA A 131 -21.05 -9.71 0.24
CA ALA A 131 -22.22 -10.55 -0.01
C ALA A 131 -21.92 -12.00 0.38
N GLY A 132 -20.67 -12.40 0.19
CA GLY A 132 -20.25 -13.75 0.54
C GLY A 132 -20.40 -14.02 2.02
N GLN A 133 -19.87 -13.12 2.85
CA GLN A 133 -19.90 -13.31 4.29
C GLN A 133 -21.32 -13.34 4.84
N LEU A 134 -22.15 -12.43 4.36
CA LEU A 134 -23.53 -12.31 4.83
C LEU A 134 -24.35 -13.56 4.46
N LEU A 135 -24.13 -14.09 3.27
CA LEU A 135 -24.82 -15.31 2.85
C LEU A 135 -24.38 -16.50 3.70
N ALA A 136 -23.09 -16.58 3.99
CA ALA A 136 -22.57 -17.66 4.81
C ALA A 136 -23.16 -17.59 6.22
N ALA A 137 -23.34 -16.37 6.72
CA ALA A 137 -23.87 -16.15 8.06
C ALA A 137 -25.38 -16.41 8.09
N ARG A 138 -26.08 -15.84 7.13
CA ARG A 138 -27.52 -16.05 6.99
C ARG A 138 -27.88 -17.53 7.07
N TRP A 139 -27.24 -18.33 6.23
CA TRP A 139 -27.58 -19.74 6.11
C TRP A 139 -26.84 -20.60 7.14
N ARG A 140 -25.88 -20.00 7.83
CA ARG A 140 -25.03 -20.73 8.77
C ARG A 140 -24.25 -21.84 8.07
N ARG A 141 -23.61 -21.50 6.96
CA ARG A 141 -22.86 -22.46 6.17
C ARG A 141 -21.36 -22.14 6.18
N PRO A 142 -20.52 -23.15 5.93
CA PRO A 142 -19.09 -22.92 5.76
C PRO A 142 -18.86 -22.11 4.50
N ALA A 143 -17.77 -21.34 4.45
CA ALA A 143 -17.50 -20.50 3.29
C ALA A 143 -16.07 -20.71 2.76
N VAL A 144 -15.88 -20.37 1.49
CA VAL A 144 -14.59 -20.45 0.84
C VAL A 144 -14.35 -19.20 0.02
N ARG A 145 -13.18 -18.61 0.15
CA ARG A 145 -12.86 -17.39 -0.61
C ARG A 145 -12.03 -17.73 -1.85
N LEU A 146 -12.26 -16.98 -2.92
CA LEU A 146 -11.53 -17.18 -4.16
C LEU A 146 -10.73 -15.93 -4.52
N SER A 147 -9.46 -16.11 -4.85
CA SER A 147 -8.62 -14.98 -5.20
C SER A 147 -8.01 -15.18 -6.58
N ALA A 148 -8.44 -14.35 -7.53
CA ALA A 148 -7.92 -14.40 -8.89
C ALA A 148 -6.67 -13.54 -9.02
N ALA A 149 -6.43 -12.70 -8.02
CA ALA A 149 -5.16 -11.97 -7.92
C ALA A 149 -4.40 -12.47 -6.69
N PHE A 150 -3.58 -11.61 -6.11
CA PHE A 150 -2.86 -11.98 -4.89
C PHE A 150 -3.87 -12.20 -3.75
N ALA A 151 -3.53 -13.10 -2.83
CA ALA A 151 -4.34 -13.31 -1.64
C ALA A 151 -3.93 -12.34 -0.54
N SER A 152 -4.77 -12.18 0.47
CA SER A 152 -4.50 -11.24 1.55
C SER A 152 -4.56 -11.93 2.90
N ASN A 153 -3.70 -11.47 3.82
CA ASN A 153 -3.75 -11.93 5.20
C ASN A 153 -3.33 -10.81 6.14
N GLU A 154 -2.88 -11.17 7.34
CA GLU A 154 -2.52 -10.18 8.34
C GLU A 154 -1.25 -9.42 7.98
N HIS A 155 -0.41 -10.03 7.15
CA HIS A 155 0.84 -9.41 6.75
C HIS A 155 0.70 -8.53 5.51
N TYR A 156 0.00 -9.04 4.50
CA TYR A 156 -0.17 -8.31 3.24
C TYR A 156 -1.62 -8.18 2.82
N SER A 157 -2.01 -6.96 2.46
CA SER A 157 -3.37 -6.67 2.02
C SER A 157 -3.40 -6.13 0.59
N PHE A 158 -3.83 -6.98 -0.33
CA PHE A 158 -3.99 -6.58 -1.73
C PHE A 158 -4.87 -5.33 -1.81
N SER A 159 -5.93 -5.30 -1.01
CA SER A 159 -6.85 -4.18 -0.98
C SER A 159 -6.13 -2.86 -0.69
N GLN A 160 -5.45 -2.78 0.45
CA GLN A 160 -4.76 -1.55 0.81
C GLN A 160 -3.80 -1.15 -0.30
N ASP A 161 -3.16 -2.14 -0.91
CA ASP A 161 -2.22 -1.90 -2.00
C ASP A 161 -2.97 -1.21 -3.14
N MSE A 162 -4.19 -1.67 -3.38
CA MSE A 162 -5.04 -1.12 -4.41
C MSE A 162 -5.39 0.34 -4.13
O MSE A 162 -5.13 1.21 -4.95
CB MSE A 162 -6.33 -1.94 -4.51
CG MSE A 162 -6.85 -2.05 -5.92
SE MSE A 162 -5.89 -3.41 -6.92
CE MSE A 162 -7.17 -4.87 -6.70
N VAL A 163 -6.00 0.60 -2.98
CA VAL A 163 -6.38 1.95 -2.59
C VAL A 163 -5.19 2.88 -2.62
N THR A 164 -4.06 2.43 -2.08
CA THR A 164 -2.84 3.22 -2.07
C THR A 164 -2.44 3.60 -3.48
N LEU A 165 -2.51 2.65 -4.40
CA LEU A 165 -2.06 2.84 -5.77
C LEU A 165 -3.05 3.62 -6.63
N ALA A 166 -4.33 3.56 -6.28
CA ALA A 166 -5.36 4.24 -7.06
C ALA A 166 -5.51 5.70 -6.65
N GLY A 167 -5.05 6.01 -5.44
CA GLY A 167 -5.11 7.37 -4.94
C GLY A 167 -6.47 7.75 -4.39
N THR A 168 -7.30 6.75 -4.11
CA THR A 168 -8.62 6.97 -3.56
C THR A 168 -8.54 7.03 -2.04
N ILE A 169 -9.63 7.45 -1.41
CA ILE A 169 -9.72 7.42 0.04
C ILE A 169 -10.01 6.00 0.52
N ASP A 170 -9.51 5.67 1.71
CA ASP A 170 -9.85 4.42 2.35
C ASP A 170 -11.37 4.38 2.49
N PRO A 171 -11.99 3.31 2.00
CA PRO A 171 -13.46 3.20 1.97
C PRO A 171 -14.08 3.38 3.36
N LEU A 172 -13.33 3.02 4.40
CA LEU A 172 -13.81 3.17 5.78
C LEU A 172 -13.59 4.58 6.31
N ASP A 173 -12.96 5.43 5.50
CA ASP A 173 -12.82 6.85 5.83
C ASP A 173 -13.93 7.63 5.17
N LEU A 174 -14.83 6.91 4.49
CA LEU A 174 -15.93 7.54 3.76
C LEU A 174 -17.26 7.24 4.43
N PRO A 175 -17.78 8.19 5.22
CA PRO A 175 -18.97 7.99 6.05
C PRO A 175 -20.10 7.25 5.35
N VAL A 176 -20.53 7.73 4.19
CA VAL A 176 -21.66 7.11 3.51
C VAL A 176 -21.41 5.63 3.25
N PHE A 177 -20.15 5.29 2.95
CA PHE A 177 -19.78 3.91 2.66
C PHE A 177 -19.85 3.04 3.92
N ARG A 178 -19.24 3.50 5.01
CA ARG A 178 -19.24 2.71 6.23
C ARG A 178 -20.65 2.63 6.84
N ASP A 179 -21.39 3.72 6.78
CA ASP A 179 -22.76 3.73 7.28
C ASP A 179 -23.61 2.68 6.57
N THR A 180 -23.51 2.65 5.24
CA THR A 180 -24.22 1.66 4.46
C THR A 180 -23.80 0.24 4.87
N LEU A 181 -22.50 0.05 5.04
CA LEU A 181 -21.97 -1.24 5.43
C LEU A 181 -22.44 -1.62 6.83
N ARG A 182 -22.32 -0.67 7.76
CA ARG A 182 -22.78 -0.86 9.13
C ARG A 182 -24.24 -1.30 9.17
N ASP A 183 -25.10 -0.55 8.49
CA ASP A 183 -26.52 -0.84 8.46
C ASP A 183 -26.79 -2.19 7.81
N LEU A 184 -26.06 -2.49 6.74
CA LEU A 184 -26.20 -3.77 6.07
C LEU A 184 -25.92 -4.93 7.03
N LEU A 185 -24.82 -4.82 7.77
CA LEU A 185 -24.45 -5.84 8.75
C LEU A 185 -25.47 -5.97 9.87
N ALA A 186 -26.00 -4.84 10.33
CA ALA A 186 -26.97 -4.84 11.42
C ALA A 186 -28.30 -5.45 10.98
N GLU A 187 -28.82 -4.97 9.85
CA GLU A 187 -30.08 -5.46 9.32
C GLU A 187 -29.99 -6.94 8.95
N HIS A 188 -28.77 -7.46 8.87
CA HIS A 188 -28.56 -8.86 8.50
C HIS A 188 -28.10 -9.70 9.69
N GLY A 189 -28.15 -9.11 10.87
CA GLY A 189 -27.87 -9.82 12.11
C GLY A 189 -26.41 -10.13 12.39
N LEU A 190 -25.57 -10.06 11.36
CA LEU A 190 -24.15 -10.36 11.53
C LEU A 190 -23.58 -9.68 12.76
N SER A 191 -23.11 -10.48 13.71
CA SER A 191 -22.49 -9.95 14.92
C SER A 191 -21.00 -9.76 14.71
N ARG A 192 -20.65 -8.97 13.70
CA ARG A 192 -19.26 -8.80 13.30
C ARG A 192 -19.02 -7.36 12.85
N SER A 193 -18.19 -6.63 13.61
CA SER A 193 -18.00 -5.19 13.38
C SER A 193 -17.59 -4.88 11.95
N VAL A 194 -17.82 -3.63 11.53
CA VAL A 194 -17.53 -3.23 10.16
C VAL A 194 -16.08 -3.49 9.77
N VAL A 195 -15.15 -3.17 10.68
CA VAL A 195 -13.74 -3.35 10.40
C VAL A 195 -13.34 -4.83 10.42
N ASP A 196 -13.90 -5.59 11.35
CA ASP A 196 -13.64 -7.02 11.43
C ASP A 196 -14.18 -7.72 10.20
N CYS A 197 -15.33 -7.24 9.76
CA CYS A 197 -15.98 -7.72 8.53
C CYS A 197 -15.09 -7.46 7.33
N TRP A 198 -14.59 -6.23 7.22
CA TRP A 198 -13.82 -5.80 6.07
C TRP A 198 -12.49 -6.53 5.97
N ASN A 199 -11.91 -6.83 7.13
CA ASN A 199 -10.60 -7.48 7.19
C ASN A 199 -10.68 -8.95 7.54
N HIS A 200 -11.85 -9.54 7.30
CA HIS A 200 -12.12 -10.93 7.62
C HIS A 200 -11.32 -11.89 6.76
N VAL A 201 -10.70 -12.88 7.40
CA VAL A 201 -9.99 -13.93 6.69
C VAL A 201 -10.80 -15.21 6.75
N GLU A 202 -11.15 -15.73 5.57
CA GLU A 202 -11.95 -16.95 5.49
C GLU A 202 -11.09 -18.16 5.86
N GLN A 203 -11.73 -19.24 6.28
CA GLN A 203 -11.04 -20.44 6.75
C GLN A 203 -10.44 -21.28 5.62
N LEU A 204 -10.98 -21.11 4.42
CA LEU A 204 -10.37 -21.70 3.24
C LEU A 204 -10.30 -20.68 2.10
N ASN A 205 -9.16 -20.64 1.42
CA ASN A 205 -8.97 -19.73 0.30
C ASN A 205 -8.37 -20.46 -0.89
N LEU A 206 -9.08 -20.43 -2.03
CA LEU A 206 -8.51 -20.89 -3.27
C LEU A 206 -7.86 -19.72 -3.98
N VAL A 207 -6.55 -19.81 -4.21
CA VAL A 207 -5.83 -18.72 -4.88
C VAL A 207 -5.27 -19.18 -6.22
N PHE A 208 -5.61 -18.48 -7.28
CA PHE A 208 -5.19 -18.89 -8.63
C PHE A 208 -3.81 -18.36 -9.00
N VAL A 209 -2.87 -18.59 -8.08
CA VAL A 209 -1.48 -18.15 -8.23
C VAL A 209 -0.59 -19.16 -7.50
N PRO A 210 0.58 -19.49 -8.09
CA PRO A 210 1.55 -20.32 -7.38
C PRO A 210 2.08 -19.57 -6.15
N LYS A 211 2.21 -20.25 -5.02
CA LYS A 211 2.68 -19.59 -3.80
C LYS A 211 4.01 -18.88 -4.02
N ALA A 212 4.81 -19.39 -4.96
CA ALA A 212 6.10 -18.79 -5.26
C ALA A 212 5.96 -17.38 -5.85
N PHE A 213 4.86 -17.14 -6.53
CA PHE A 213 4.62 -15.84 -7.15
C PHE A 213 3.95 -14.90 -6.15
N GLN A 214 3.13 -15.46 -5.27
CA GLN A 214 2.39 -14.68 -4.27
C GLN A 214 3.29 -13.76 -3.47
N ILE A 215 2.90 -12.50 -3.36
CA ILE A 215 3.61 -11.55 -2.51
C ILE A 215 3.61 -12.02 -1.05
N ALA A 216 4.80 -12.22 -0.49
CA ALA A 216 4.94 -12.67 0.90
C ALA A 216 4.33 -14.05 1.10
N GLY A 217 4.45 -14.89 0.07
CA GLY A 217 3.85 -16.22 0.08
C GLY A 217 4.16 -17.03 1.33
N ASP A 218 5.37 -16.89 1.84
CA ASP A 218 5.80 -17.67 2.99
C ASP A 218 4.98 -17.37 4.24
N THR A 219 4.29 -16.23 4.23
CA THR A 219 3.52 -15.81 5.39
C THR A 219 2.09 -16.37 5.36
N PHE A 220 1.72 -17.03 4.30
CA PHE A 220 0.43 -17.61 4.21
C PHE A 220 0.36 -19.01 4.73
N ASP A 221 -0.66 -19.30 5.52
CA ASP A 221 -0.81 -20.58 6.16
C ASP A 221 -1.69 -21.58 5.43
N ASP A 222 -2.20 -22.55 6.14
CA ASP A 222 -2.96 -23.62 5.51
C ASP A 222 -4.41 -23.24 5.20
N ARG A 223 -4.81 -22.02 5.62
CA ARG A 223 -6.12 -21.50 5.24
C ARG A 223 -6.11 -21.13 3.75
N PHE A 224 -4.92 -21.16 3.15
CA PHE A 224 -4.74 -20.77 1.76
C PHE A 224 -4.16 -21.89 0.93
N VAL A 225 -4.81 -22.18 -0.19
CA VAL A 225 -4.37 -23.24 -1.09
C VAL A 225 -4.07 -22.67 -2.47
N PHE A 226 -2.79 -22.52 -2.78
CA PHE A 226 -2.36 -21.90 -4.03
C PHE A 226 -2.37 -22.87 -5.20
N VAL A 227 -3.50 -22.93 -5.90
CA VAL A 227 -3.71 -23.93 -6.94
C VAL A 227 -3.21 -23.48 -8.31
N GLY A 228 -2.79 -22.22 -8.42
CA GLY A 228 -2.33 -21.69 -9.70
C GLY A 228 -3.42 -21.57 -10.73
N PRO A 229 -3.06 -21.20 -11.97
CA PRO A 229 -4.02 -21.00 -13.06
C PRO A 229 -4.81 -22.27 -13.39
N CYS A 230 -6.08 -22.09 -13.75
CA CYS A 230 -6.94 -23.19 -14.14
C CYS A 230 -7.66 -22.81 -15.41
N PHE A 231 -7.27 -23.43 -16.53
CA PHE A 231 -7.84 -23.02 -17.81
C PHE A 231 -8.15 -24.17 -18.76
N ASP A 232 -8.79 -23.80 -19.87
CA ASP A 232 -9.36 -24.73 -20.82
C ASP A 232 -8.78 -24.43 -22.19
N ASP A 233 -9.45 -24.90 -23.24
CA ASP A 233 -9.17 -24.42 -24.59
C ASP A 233 -9.76 -23.04 -24.74
N ARG A 234 -10.78 -22.76 -23.93
CA ARG A 234 -11.49 -21.49 -23.98
C ARG A 234 -11.87 -21.15 -25.42
N ARG A 235 -12.58 -22.08 -26.05
CA ARG A 235 -13.02 -21.91 -27.41
C ARG A 235 -14.07 -20.80 -27.51
N PHE A 236 -14.76 -20.53 -26.40
CA PHE A 236 -15.81 -19.51 -26.41
C PHE A 236 -15.27 -18.10 -26.59
N LEU A 237 -13.94 -17.96 -26.53
CA LEU A 237 -13.28 -16.69 -26.81
C LEU A 237 -12.71 -16.68 -28.22
N GLY A 238 -13.16 -17.64 -29.03
CA GLY A 238 -12.66 -17.77 -30.39
C GLY A 238 -11.53 -18.77 -30.46
N GLU A 239 -10.85 -18.81 -31.60
CA GLU A 239 -9.71 -19.70 -31.76
C GLU A 239 -8.56 -19.04 -32.50
N TRP A 240 -7.45 -19.75 -32.60
CA TRP A 240 -6.25 -19.18 -33.16
C TRP A 240 -5.28 -20.26 -33.65
N THR A 241 -4.85 -20.13 -34.91
CA THR A 241 -3.82 -21.02 -35.44
C THR A 241 -2.58 -20.21 -35.78
N ARG A 242 -1.43 -20.70 -35.30
CA ARG A 242 -0.18 -19.98 -35.48
C ARG A 242 0.06 -19.65 -36.96
N PRO A 243 0.88 -18.62 -37.23
CA PRO A 243 1.01 -18.01 -38.55
C PRO A 243 1.59 -18.95 -39.61
N ALA A 244 1.60 -18.48 -40.85
CA ALA A 244 2.23 -19.20 -41.94
C ALA A 244 3.64 -18.65 -42.16
N ASP A 245 3.88 -17.45 -41.63
CA ASP A 245 5.18 -16.81 -41.74
C ASP A 245 6.24 -17.42 -40.81
N ASP A 246 5.79 -18.30 -39.92
CA ASP A 246 6.69 -18.94 -38.96
C ASP A 246 7.67 -17.97 -38.32
N LEU A 247 7.15 -16.87 -37.81
CA LEU A 247 7.96 -15.94 -37.01
C LEU A 247 7.66 -16.17 -35.52
N PRO A 248 8.64 -15.90 -34.66
CA PRO A 248 8.37 -15.98 -33.22
C PRO A 248 7.15 -15.13 -32.91
N VAL A 249 6.16 -15.71 -32.25
CA VAL A 249 4.90 -15.04 -31.95
C VAL A 249 4.97 -14.24 -30.65
N VAL A 250 4.57 -12.98 -30.72
CA VAL A 250 4.50 -12.13 -29.53
C VAL A 250 3.06 -11.75 -29.23
N LEU A 251 2.57 -12.09 -28.05
CA LEU A 251 1.22 -11.71 -27.64
C LEU A 251 1.22 -10.34 -26.99
N VAL A 252 0.39 -9.44 -27.51
CA VAL A 252 0.25 -8.10 -26.96
C VAL A 252 -1.21 -7.88 -26.55
N SER A 253 -1.42 -7.35 -25.34
CA SER A 253 -2.77 -7.18 -24.81
C SER A 253 -2.77 -6.23 -23.61
N LEU A 254 -3.77 -5.35 -23.55
CA LEU A 254 -3.93 -4.43 -22.43
C LEU A 254 -5.04 -4.90 -21.52
N GLY A 255 -5.58 -6.07 -21.83
CA GLY A 255 -6.58 -6.70 -20.99
C GLY A 255 -7.99 -6.36 -21.40
N THR A 256 -8.89 -6.31 -20.42
CA THR A 256 -10.31 -6.14 -20.67
C THR A 256 -10.87 -4.92 -19.93
N THR A 257 -10.07 -4.36 -19.03
CA THR A 257 -10.55 -3.32 -18.12
C THR A 257 -10.17 -1.89 -18.51
N PHE A 258 -8.88 -1.57 -18.42
CA PHE A 258 -8.39 -0.24 -18.82
C PHE A 258 -7.72 -0.36 -20.18
N ASN A 259 -8.50 -0.77 -21.18
CA ASN A 259 -7.95 -1.16 -22.48
C ASN A 259 -8.34 -0.27 -23.63
N ASP A 260 -8.88 0.91 -23.33
CA ASP A 260 -9.33 1.85 -24.36
C ASP A 260 -8.17 2.72 -24.83
N ARG A 261 -7.17 2.09 -25.45
CA ARG A 261 -5.92 2.76 -25.80
C ARG A 261 -5.48 2.45 -27.21
N PRO A 262 -6.12 3.10 -28.20
CA PRO A 262 -5.81 2.85 -29.61
C PRO A 262 -4.39 3.27 -29.95
N GLY A 263 -3.92 4.35 -29.33
CA GLY A 263 -2.57 4.83 -29.53
C GLY A 263 -1.53 3.77 -29.21
N PHE A 264 -1.78 2.99 -28.15
CA PHE A 264 -0.84 1.96 -27.74
C PHE A 264 -0.70 0.89 -28.82
N PHE A 265 -1.83 0.34 -29.25
CA PHE A 265 -1.83 -0.73 -30.24
C PHE A 265 -1.37 -0.20 -31.61
N ARG A 266 -1.72 1.03 -31.90
CA ARG A 266 -1.38 1.64 -33.17
C ARG A 266 0.14 1.83 -33.26
N ASP A 267 0.73 2.35 -32.19
CA ASP A 267 2.17 2.63 -32.15
C ASP A 267 2.98 1.33 -32.13
N CYS A 268 2.44 0.32 -31.45
CA CYS A 268 3.12 -0.96 -31.35
C CYS A 268 3.17 -1.65 -32.72
N ALA A 269 2.02 -1.75 -33.37
CA ALA A 269 1.95 -2.29 -34.72
C ALA A 269 2.91 -1.55 -35.66
N ARG A 270 3.04 -0.25 -35.44
CA ARG A 270 3.94 0.58 -36.23
C ARG A 270 5.40 0.20 -35.99
N ALA A 271 5.75 -0.04 -34.73
CA ALA A 271 7.12 -0.38 -34.37
C ALA A 271 7.53 -1.77 -34.85
N PHE A 272 6.61 -2.73 -34.74
CA PHE A 272 6.87 -4.11 -35.14
C PHE A 272 6.70 -4.33 -36.65
N ASP A 273 6.47 -3.25 -37.38
CA ASP A 273 6.36 -3.31 -38.82
C ASP A 273 7.68 -3.76 -39.43
N GLY A 274 7.65 -4.87 -40.16
CA GLY A 274 8.83 -5.38 -40.81
C GLY A 274 9.89 -5.89 -39.84
N GLN A 275 9.47 -6.25 -38.64
CA GLN A 275 10.38 -6.83 -37.66
C GLN A 275 10.20 -8.35 -37.59
N PRO A 276 11.22 -9.06 -37.10
CA PRO A 276 11.23 -10.53 -37.06
C PRO A 276 10.27 -11.11 -36.03
N TRP A 277 9.05 -10.57 -35.93
CA TRP A 277 8.07 -11.06 -34.97
C TRP A 277 6.67 -11.12 -35.56
N HIS A 278 5.85 -12.02 -35.03
CA HIS A 278 4.43 -12.05 -35.39
C HIS A 278 3.59 -11.61 -34.22
N VAL A 279 3.13 -10.36 -34.26
CA VAL A 279 2.42 -9.75 -33.14
C VAL A 279 0.93 -10.05 -33.16
N VAL A 280 0.44 -10.70 -32.12
CA VAL A 280 -0.98 -10.96 -31.97
C VAL A 280 -1.55 -10.05 -30.88
N MSE A 281 -2.42 -9.13 -31.29
CA MSE A 281 -2.99 -8.16 -30.38
C MSE A 281 -4.45 -8.46 -30.07
O MSE A 281 -5.21 -8.81 -30.97
CB MSE A 281 -2.90 -6.76 -30.97
CG MSE A 281 -1.50 -6.23 -31.08
SE MSE A 281 -1.44 -4.59 -32.12
CE MSE A 281 0.13 -3.81 -31.31
N THR A 282 -4.83 -8.33 -28.81
CA THR A 282 -6.22 -8.53 -28.42
C THR A 282 -6.76 -7.26 -27.76
N LEU A 283 -7.84 -6.72 -28.31
CA LEU A 283 -8.39 -5.46 -27.82
C LEU A 283 -9.28 -5.63 -26.59
N GLY A 284 -9.94 -6.77 -26.49
CA GLY A 284 -10.75 -7.06 -25.33
C GLY A 284 -12.08 -6.31 -25.32
N GLY A 285 -12.76 -6.31 -26.45
CA GLY A 285 -14.10 -5.75 -26.52
C GLY A 285 -14.22 -4.24 -26.39
N GLN A 286 -13.10 -3.53 -26.36
CA GLN A 286 -13.13 -2.07 -26.32
C GLN A 286 -12.93 -1.44 -27.69
N VAL A 287 -11.66 -1.29 -28.08
CA VAL A 287 -11.32 -0.69 -29.37
C VAL A 287 -11.71 -1.59 -30.53
N ASP A 288 -12.30 -1.00 -31.56
CA ASP A 288 -12.57 -1.75 -32.79
C ASP A 288 -11.29 -1.95 -33.56
N PRO A 289 -11.02 -3.21 -33.97
CA PRO A 289 -9.82 -3.50 -34.76
C PRO A 289 -9.67 -2.55 -35.93
N ALA A 290 -10.79 -2.13 -36.53
CA ALA A 290 -10.76 -1.27 -37.69
C ALA A 290 -10.23 0.13 -37.38
N ALA A 291 -10.42 0.57 -36.14
CA ALA A 291 -9.99 1.90 -35.72
C ALA A 291 -8.47 2.01 -35.61
N LEU A 292 -7.77 0.88 -35.74
CA LEU A 292 -6.32 0.89 -35.76
C LEU A 292 -5.82 1.25 -37.15
N GLY A 293 -6.67 1.07 -38.16
CA GLY A 293 -6.27 1.29 -39.53
C GLY A 293 -5.44 0.13 -40.06
N ASP A 294 -4.71 0.37 -41.13
CA ASP A 294 -3.91 -0.68 -41.76
C ASP A 294 -2.82 -1.21 -40.84
N LEU A 295 -2.72 -2.53 -40.77
CA LEU A 295 -1.70 -3.18 -39.96
C LEU A 295 -0.72 -3.92 -40.87
N PRO A 296 0.56 -3.97 -40.48
CA PRO A 296 1.54 -4.71 -41.27
C PRO A 296 1.09 -6.16 -41.41
N PRO A 297 1.66 -6.89 -42.38
CA PRO A 297 1.30 -8.30 -42.59
C PRO A 297 1.62 -9.17 -41.38
N ASN A 298 2.56 -8.73 -40.55
CA ASN A 298 3.03 -9.52 -39.42
C ASN A 298 2.38 -9.12 -38.10
N VAL A 299 1.29 -8.38 -38.17
CA VAL A 299 0.58 -7.92 -36.98
C VAL A 299 -0.91 -8.20 -37.06
N GLU A 300 -1.42 -8.98 -36.11
CA GLU A 300 -2.84 -9.30 -36.07
C GLU A 300 -3.51 -8.40 -35.04
N ALA A 301 -4.85 -8.30 -35.14
CA ALA A 301 -5.64 -7.57 -34.16
C ALA A 301 -7.03 -8.19 -34.04
N HIS A 302 -7.40 -8.55 -32.82
CA HIS A 302 -8.69 -9.19 -32.57
C HIS A 302 -9.43 -8.52 -31.41
N ARG A 303 -10.75 -8.55 -31.46
CA ARG A 303 -11.55 -8.21 -30.30
C ARG A 303 -11.22 -9.21 -29.20
N TRP A 304 -11.21 -10.50 -29.55
CA TRP A 304 -10.89 -11.55 -28.60
C TRP A 304 -10.26 -12.75 -29.31
N VAL A 305 -9.17 -13.25 -28.76
CA VAL A 305 -8.70 -14.62 -29.02
C VAL A 305 -8.18 -15.19 -27.72
N PRO A 306 -8.27 -16.51 -27.54
CA PRO A 306 -7.82 -17.11 -26.29
C PRO A 306 -6.33 -16.90 -26.09
N HIS A 307 -5.97 -16.06 -25.13
CA HIS A 307 -4.57 -15.86 -24.79
C HIS A 307 -3.91 -17.23 -24.63
N VAL A 308 -4.65 -18.14 -24.02
CA VAL A 308 -4.13 -19.47 -23.70
C VAL A 308 -3.61 -20.22 -24.92
N LYS A 309 -4.19 -19.95 -26.10
CA LYS A 309 -3.79 -20.66 -27.31
C LYS A 309 -2.61 -19.97 -28.01
N VAL A 310 -2.56 -18.65 -27.91
CA VAL A 310 -1.43 -17.90 -28.45
C VAL A 310 -0.18 -18.19 -27.64
N LEU A 311 -0.36 -18.18 -26.33
CA LEU A 311 0.71 -18.38 -25.40
C LEU A 311 1.36 -19.73 -25.48
N GLU A 312 0.63 -20.72 -25.93
CA GLU A 312 1.15 -22.06 -26.15
C GLU A 312 2.20 -22.08 -27.28
N GLN A 313 2.00 -21.23 -28.28
CA GLN A 313 2.91 -21.17 -29.44
C GLN A 313 3.81 -19.95 -29.40
N ALA A 314 3.71 -19.16 -28.34
CA ALA A 314 4.36 -17.86 -28.28
C ALA A 314 5.83 -17.90 -27.84
N THR A 315 6.48 -16.75 -27.93
CA THR A 315 7.88 -16.61 -27.55
C THR A 315 8.03 -15.54 -26.47
N VAL A 316 7.17 -14.53 -26.54
CA VAL A 316 7.17 -13.46 -25.55
C VAL A 316 5.74 -13.01 -25.29
N CYS A 317 5.41 -12.78 -24.02
CA CYS A 317 4.11 -12.24 -23.68
C CYS A 317 4.21 -10.78 -23.26
N VAL A 318 3.52 -9.90 -24.00
CA VAL A 318 3.43 -8.49 -23.64
C VAL A 318 2.05 -8.21 -23.07
N THR A 319 2.00 -7.75 -21.82
CA THR A 319 0.73 -7.59 -21.13
C THR A 319 0.77 -6.46 -20.12
N HIS A 320 -0.39 -5.90 -19.81
CA HIS A 320 -0.50 -4.82 -18.84
C HIS A 320 -0.24 -5.30 -17.40
N GLY A 321 -0.47 -6.60 -17.16
CA GLY A 321 -0.22 -7.17 -15.86
C GLY A 321 -1.41 -7.90 -15.26
N GLY A 322 -2.45 -8.09 -16.07
CA GLY A 322 -3.62 -8.85 -15.64
C GLY A 322 -3.17 -10.21 -15.14
N MSE A 323 -3.67 -10.61 -13.97
CA MSE A 323 -3.17 -11.82 -13.32
C MSE A 323 -3.37 -13.07 -14.19
O MSE A 323 -2.51 -13.95 -14.21
CB MSE A 323 -3.80 -12.02 -11.95
CG MSE A 323 -3.22 -13.19 -11.17
SE MSE A 323 -1.32 -12.96 -10.77
CE MSE A 323 -1.47 -12.17 -8.99
N GLY A 324 -4.50 -13.13 -14.88
CA GLY A 324 -4.80 -14.25 -15.75
C GLY A 324 -3.75 -14.41 -16.85
N THR A 325 -3.52 -13.34 -17.59
CA THR A 325 -2.53 -13.39 -18.67
C THR A 325 -1.14 -13.75 -18.15
N LEU A 326 -0.74 -13.16 -17.03
CA LEU A 326 0.55 -13.46 -16.42
C LEU A 326 0.70 -14.95 -16.12
N MSE A 327 -0.26 -15.50 -15.39
CA MSE A 327 -0.18 -16.91 -15.02
C MSE A 327 -0.26 -17.83 -16.23
O MSE A 327 0.39 -18.87 -16.27
CB MSE A 327 -1.26 -17.28 -14.00
CG MSE A 327 -1.09 -16.62 -12.63
SE MSE A 327 0.74 -16.53 -11.93
CE MSE A 327 1.40 -18.24 -12.58
N GLU A 328 -1.06 -17.45 -17.22
CA GLU A 328 -1.18 -18.24 -18.44
C GLU A 328 0.13 -18.24 -19.23
N ALA A 329 0.87 -17.14 -19.14
CA ALA A 329 2.14 -17.01 -19.84
C ALA A 329 3.25 -17.77 -19.12
N LEU A 330 3.29 -17.63 -17.79
CA LEU A 330 4.30 -18.32 -17.01
C LEU A 330 4.06 -19.83 -17.05
N TYR A 331 2.82 -20.23 -17.23
CA TYR A 331 2.48 -21.64 -17.39
C TYR A 331 3.27 -22.23 -18.55
N TRP A 332 3.50 -21.42 -19.58
CA TRP A 332 4.21 -21.88 -20.77
C TRP A 332 5.64 -21.36 -20.80
N GLY A 333 6.13 -20.87 -19.66
CA GLY A 333 7.48 -20.37 -19.56
C GLY A 333 7.83 -19.28 -20.55
N ARG A 334 6.93 -18.33 -20.74
CA ARG A 334 7.14 -17.23 -21.68
C ARG A 334 7.70 -15.98 -21.00
N PRO A 335 8.82 -15.47 -21.51
CA PRO A 335 9.39 -14.20 -21.05
C PRO A 335 8.32 -13.12 -21.12
N LEU A 336 8.41 -12.13 -20.24
CA LEU A 336 7.35 -11.13 -20.13
C LEU A 336 7.86 -9.72 -20.38
N VAL A 337 7.03 -8.91 -21.04
CA VAL A 337 7.18 -7.47 -20.98
C VAL A 337 5.88 -6.96 -20.37
N VAL A 338 5.99 -6.42 -19.16
CA VAL A 338 4.82 -5.95 -18.44
C VAL A 338 4.64 -4.45 -18.65
N VAL A 339 3.47 -4.05 -19.11
CA VAL A 339 3.20 -2.68 -19.53
C VAL A 339 2.00 -2.09 -18.78
N PRO A 340 2.14 -1.90 -17.45
CA PRO A 340 1.02 -1.47 -16.60
C PRO A 340 0.53 -0.08 -16.94
N GLN A 341 -0.79 0.09 -17.06
CA GLN A 341 -1.37 1.38 -17.35
C GLN A 341 -2.38 1.80 -16.28
N SER A 342 -2.49 0.99 -15.23
CA SER A 342 -3.48 1.23 -14.18
C SER A 342 -3.09 0.62 -12.84
N PHE A 343 -3.57 1.24 -11.77
CA PHE A 343 -3.22 0.82 -10.41
C PHE A 343 -3.49 -0.66 -10.13
N ASP A 344 -4.53 -1.21 -10.74
CA ASP A 344 -4.99 -2.55 -10.40
C ASP A 344 -4.01 -3.66 -10.74
N VAL A 345 -3.20 -3.44 -11.78
CA VAL A 345 -2.22 -4.44 -12.19
C VAL A 345 -0.82 -4.05 -11.74
N GLN A 346 -0.71 -3.00 -10.95
CA GLN A 346 0.58 -2.47 -10.54
C GLN A 346 1.38 -3.39 -9.60
N PRO A 347 0.69 -4.02 -8.63
CA PRO A 347 1.40 -4.98 -7.76
C PRO A 347 1.93 -6.20 -8.52
N MSE A 348 1.23 -6.64 -9.55
CA MSE A 348 1.71 -7.77 -10.35
C MSE A 348 2.94 -7.40 -11.17
O MSE A 348 3.86 -8.20 -11.32
CB MSE A 348 0.62 -8.32 -11.26
CG MSE A 348 -0.47 -9.09 -10.52
SE MSE A 348 -1.81 -7.91 -9.71
CE MSE A 348 -3.08 -7.86 -11.19
N ALA A 349 2.95 -6.18 -11.71
CA ALA A 349 4.11 -5.67 -12.43
C ALA A 349 5.30 -5.54 -11.49
N ARG A 350 5.05 -5.08 -10.27
CA ARG A 350 6.10 -4.95 -9.27
C ARG A 350 6.69 -6.33 -8.94
N ARG A 351 5.83 -7.32 -8.81
CA ARG A 351 6.25 -8.67 -8.46
C ARG A 351 7.05 -9.33 -9.57
N VAL A 352 6.54 -9.25 -10.80
CA VAL A 352 7.25 -9.79 -11.95
C VAL A 352 8.66 -9.20 -12.06
N ASP A 353 8.77 -7.91 -11.77
CA ASP A 353 10.05 -7.23 -11.87
C ASP A 353 11.03 -7.72 -10.80
N GLN A 354 10.52 -7.94 -9.59
CA GLN A 354 11.35 -8.36 -8.48
C GLN A 354 11.88 -9.77 -8.67
N LEU A 355 11.11 -10.60 -9.35
CA LEU A 355 11.49 -12.00 -9.59
C LEU A 355 12.29 -12.13 -10.88
N GLY A 356 12.57 -11.00 -11.52
CA GLY A 356 13.30 -10.99 -12.76
C GLY A 356 12.66 -11.87 -13.82
N LEU A 357 11.34 -11.83 -13.88
CA LEU A 357 10.59 -12.65 -14.84
C LEU A 357 10.32 -11.89 -16.15
N GLY A 358 10.67 -10.62 -16.18
CA GLY A 358 10.49 -9.82 -17.37
C GLY A 358 10.86 -8.36 -17.18
N ALA A 359 10.74 -7.60 -18.27
CA ALA A 359 10.96 -6.17 -18.23
C ALA A 359 9.62 -5.49 -18.00
N VAL A 360 9.64 -4.39 -17.26
CA VAL A 360 8.41 -3.66 -17.01
C VAL A 360 8.54 -2.23 -17.52
N LEU A 361 7.57 -1.82 -18.34
CA LEU A 361 7.55 -0.48 -18.88
C LEU A 361 6.24 0.20 -18.49
N PRO A 362 6.25 0.90 -17.34
CA PRO A 362 5.06 1.51 -16.75
C PRO A 362 4.50 2.66 -17.60
N GLY A 363 3.20 2.61 -17.88
CA GLY A 363 2.50 3.69 -18.53
C GLY A 363 3.21 4.27 -19.75
N GLU A 364 3.68 5.50 -19.62
CA GLU A 364 4.27 6.25 -20.73
C GLU A 364 5.51 5.59 -21.31
N LYS A 365 6.29 4.93 -20.47
CA LYS A 365 7.53 4.28 -20.91
C LYS A 365 7.25 3.24 -22.00
N ALA A 366 5.98 2.89 -22.15
CA ALA A 366 5.59 1.78 -23.01
C ALA A 366 5.22 2.17 -24.43
N ASP A 367 6.16 2.81 -25.14
CA ASP A 367 5.94 3.13 -26.54
C ASP A 367 6.38 1.96 -27.41
N GLY A 368 5.99 1.98 -28.68
CA GLY A 368 6.28 0.89 -29.60
C GLY A 368 7.76 0.60 -29.77
N ASP A 369 8.59 1.64 -29.75
CA ASP A 369 10.02 1.48 -29.92
C ASP A 369 10.68 0.80 -28.72
N THR A 370 10.30 1.24 -27.52
CA THR A 370 10.86 0.65 -26.30
C THR A 370 10.28 -0.75 -26.08
N LEU A 371 9.06 -0.96 -26.56
CA LEU A 371 8.44 -2.27 -26.50
C LEU A 371 9.19 -3.24 -27.40
N LEU A 372 9.65 -2.74 -28.54
CA LEU A 372 10.36 -3.58 -29.51
C LEU A 372 11.68 -4.09 -28.96
N ALA A 373 12.43 -3.20 -28.32
CA ALA A 373 13.71 -3.56 -27.72
C ALA A 373 13.49 -4.55 -26.58
N ALA A 374 12.52 -4.26 -25.72
CA ALA A 374 12.20 -5.13 -24.60
C ALA A 374 11.85 -6.56 -25.06
N VAL A 375 10.92 -6.68 -26.01
CA VAL A 375 10.55 -7.98 -26.54
C VAL A 375 11.76 -8.79 -26.97
N GLY A 376 12.64 -8.18 -27.76
CA GLY A 376 13.84 -8.84 -28.21
C GLY A 376 14.80 -9.10 -27.06
N ALA A 377 14.84 -8.16 -26.12
CA ALA A 377 15.73 -8.27 -24.99
C ALA A 377 15.38 -9.44 -24.06
N VAL A 378 14.09 -9.58 -23.74
CA VAL A 378 13.65 -10.62 -22.81
C VAL A 378 13.68 -12.00 -23.46
N ALA A 379 13.67 -12.02 -24.80
CA ALA A 379 13.74 -13.28 -25.53
C ALA A 379 15.15 -13.84 -25.56
N ALA A 380 16.13 -12.96 -25.38
CA ALA A 380 17.53 -13.35 -25.55
C ALA A 380 18.33 -13.32 -24.24
N ASP A 381 17.65 -13.23 -23.11
CA ASP A 381 18.33 -13.20 -21.83
C ASP A 381 18.32 -14.59 -21.20
N PRO A 382 19.48 -15.26 -21.19
CA PRO A 382 19.66 -16.61 -20.64
C PRO A 382 19.35 -16.68 -19.16
N ALA A 383 19.80 -15.69 -18.40
CA ALA A 383 19.50 -15.62 -16.98
C ALA A 383 17.99 -15.53 -16.73
N LEU A 384 17.36 -14.53 -17.33
CA LEU A 384 15.92 -14.35 -17.22
C LEU A 384 15.16 -15.62 -17.60
N LEU A 385 15.53 -16.23 -18.72
CA LEU A 385 14.87 -17.44 -19.19
C LEU A 385 15.04 -18.58 -18.18
N ALA A 386 16.18 -18.62 -17.51
CA ALA A 386 16.37 -19.60 -16.44
C ALA A 386 15.35 -19.36 -15.34
N ARG A 387 15.15 -18.08 -14.98
CA ARG A 387 14.20 -17.73 -13.93
C ARG A 387 12.77 -18.02 -14.35
N VAL A 388 12.44 -17.70 -15.60
CA VAL A 388 11.11 -17.94 -16.14
C VAL A 388 10.78 -19.43 -16.23
N GLU A 389 11.75 -20.23 -16.67
CA GLU A 389 11.57 -21.67 -16.77
C GLU A 389 11.34 -22.27 -15.38
N ALA A 390 12.03 -21.72 -14.38
CA ALA A 390 11.89 -22.20 -13.01
C ALA A 390 10.51 -21.89 -12.44
N MSE A 391 10.02 -20.67 -12.70
CA MSE A 391 8.68 -20.29 -12.25
C MSE A 391 7.64 -21.15 -12.94
O MSE A 391 6.66 -21.56 -12.33
CB MSE A 391 8.41 -18.82 -12.53
CG MSE A 391 7.03 -18.34 -12.08
SE MSE A 391 6.73 -18.54 -10.15
CE MSE A 391 8.07 -17.31 -9.47
N ARG A 392 7.87 -21.42 -14.22
CA ARG A 392 7.02 -22.33 -14.96
C ARG A 392 6.88 -23.64 -14.17
N GLY A 393 7.98 -24.09 -13.58
CA GLY A 393 7.97 -25.30 -12.77
C GLY A 393 6.96 -25.23 -11.64
N HIS A 394 6.99 -24.12 -10.92
CA HIS A 394 6.08 -23.90 -9.80
C HIS A 394 4.61 -23.87 -10.22
N VAL A 395 4.33 -23.17 -11.32
CA VAL A 395 2.98 -23.11 -11.86
C VAL A 395 2.44 -24.51 -12.16
N ARG A 396 3.28 -25.35 -12.75
CA ARG A 396 2.90 -26.73 -13.07
C ARG A 396 2.62 -27.55 -11.81
N ARG A 397 3.41 -27.31 -10.76
CA ARG A 397 3.25 -28.04 -9.51
C ARG A 397 1.99 -27.60 -8.74
N ALA A 398 1.43 -26.46 -9.12
CA ALA A 398 0.36 -25.85 -8.33
C ALA A 398 -0.84 -26.78 -8.13
N GLY A 399 -1.17 -27.56 -9.14
CA GLY A 399 -2.24 -28.55 -9.00
C GLY A 399 -3.53 -28.19 -9.72
N GLY A 400 -3.71 -26.90 -9.98
CA GLY A 400 -4.84 -26.44 -10.77
C GLY A 400 -6.20 -26.90 -10.28
N ALA A 401 -7.10 -27.18 -11.23
CA ALA A 401 -8.49 -27.49 -10.91
C ALA A 401 -8.64 -28.73 -10.03
N ALA A 402 -7.81 -29.74 -10.26
CA ALA A 402 -7.89 -30.98 -9.51
C ALA A 402 -7.65 -30.74 -8.02
N ARG A 403 -6.64 -29.93 -7.72
CA ARG A 403 -6.27 -29.68 -6.33
C ARG A 403 -7.29 -28.81 -5.61
N ALA A 404 -7.93 -27.92 -6.35
CA ALA A 404 -8.99 -27.07 -5.78
C ALA A 404 -10.16 -27.92 -5.30
N ALA A 405 -10.63 -28.82 -6.16
CA ALA A 405 -11.75 -29.70 -5.84
C ALA A 405 -11.36 -30.62 -4.69
N ASP A 406 -10.10 -31.04 -4.66
CA ASP A 406 -9.58 -31.83 -3.56
C ASP A 406 -9.75 -31.06 -2.26
N ALA A 407 -9.24 -29.83 -2.24
CA ALA A 407 -9.32 -28.99 -1.05
C ALA A 407 -10.77 -28.79 -0.62
N VAL A 408 -11.61 -28.36 -1.57
CA VAL A 408 -13.02 -28.14 -1.27
C VAL A 408 -13.66 -29.38 -0.64
N GLU A 409 -13.40 -30.54 -1.22
CA GLU A 409 -14.00 -31.77 -0.72
C GLU A 409 -13.54 -32.13 0.69
N ALA A 410 -12.28 -31.82 0.99
CA ALA A 410 -11.76 -32.04 2.34
C ALA A 410 -12.40 -31.07 3.33
N TYR A 411 -12.49 -29.80 2.92
CA TYR A 411 -13.17 -28.76 3.68
C TYR A 411 -14.62 -29.17 3.92
N LEU A 412 -15.25 -29.69 2.87
CA LEU A 412 -16.64 -30.12 2.91
C LEU A 412 -16.85 -31.24 3.93
N ALA A 413 -15.87 -32.13 4.05
CA ALA A 413 -15.96 -33.25 4.99
C ALA A 413 -15.65 -32.82 6.42
N ARG A 414 -14.64 -31.97 6.59
CA ARG A 414 -14.27 -31.44 7.90
C ARG A 414 -15.45 -30.72 8.55
N ALA A 415 -16.15 -29.91 7.75
CA ALA A 415 -17.30 -29.15 8.24
C ALA A 415 -18.61 -29.85 7.91
N MSE B 20 6.31 6.79 40.52
CA MSE B 20 5.85 5.42 40.67
C MSE B 20 6.49 4.46 39.69
O MSE B 20 6.16 3.28 39.69
CB MSE B 20 4.31 5.33 40.50
CG MSE B 20 3.49 6.09 41.55
SE MSE B 20 1.64 5.44 41.68
CE MSE B 20 0.76 7.09 42.26
N ALA B 21 7.41 4.94 38.85
CA ALA B 21 7.94 4.08 37.79
C ALA B 21 9.29 4.45 37.19
N HIS B 22 9.97 3.43 36.67
CA HIS B 22 11.15 3.62 35.84
C HIS B 22 10.78 3.29 34.40
N LEU B 23 10.72 4.32 33.56
CA LEU B 23 10.23 4.18 32.20
C LEU B 23 11.37 4.21 31.18
N LEU B 24 11.46 3.17 30.36
CA LEU B 24 12.47 3.13 29.31
C LEU B 24 11.84 3.50 27.97
N ILE B 25 12.47 4.43 27.27
CA ILE B 25 12.04 4.79 25.92
C ILE B 25 13.05 4.29 24.88
N VAL B 26 12.60 3.34 24.06
CA VAL B 26 13.44 2.76 23.01
C VAL B 26 13.24 3.54 21.72
N ASN B 27 14.32 4.14 21.22
CA ASN B 27 14.22 4.94 20.00
C ASN B 27 15.51 4.95 19.17
N VAL B 28 15.41 5.43 17.94
CA VAL B 28 16.58 5.54 17.07
C VAL B 28 16.92 7.00 16.76
N ALA B 29 18.12 7.23 16.25
CA ALA B 29 18.64 8.57 16.03
C ALA B 29 18.04 9.25 14.80
N SER B 30 16.90 9.90 15.00
CA SER B 30 16.20 10.63 13.95
C SER B 30 15.36 11.77 14.53
N HIS B 31 15.46 12.95 13.95
CA HIS B 31 14.74 14.11 14.46
C HIS B 31 13.24 13.86 14.56
N GLY B 32 12.66 13.39 13.46
CA GLY B 32 11.23 13.17 13.42
C GLY B 32 10.70 12.27 14.53
N LEU B 33 11.52 11.35 15.00
CA LEU B 33 11.06 10.32 15.92
C LEU B 33 11.31 10.70 17.38
N ILE B 34 12.27 11.59 17.59
CA ILE B 34 12.65 12.01 18.94
C ILE B 34 11.92 13.27 19.41
N LEU B 35 11.76 14.24 18.50
CA LEU B 35 11.19 15.54 18.88
C LEU B 35 9.79 15.50 19.51
N PRO B 36 8.88 14.68 18.97
CA PRO B 36 7.56 14.58 19.61
C PRO B 36 7.66 13.99 21.01
N THR B 37 8.73 13.26 21.25
CA THR B 37 8.94 12.53 22.50
C THR B 37 9.40 13.41 23.66
N LEU B 38 10.11 14.49 23.33
CA LEU B 38 10.78 15.29 24.35
C LEU B 38 9.85 15.82 25.44
N THR B 39 8.82 16.56 25.07
CA THR B 39 7.92 17.17 26.05
C THR B 39 7.15 16.12 26.86
N VAL B 40 6.96 14.94 26.28
CA VAL B 40 6.36 13.82 27.00
C VAL B 40 7.27 13.36 28.14
N VAL B 41 8.53 13.11 27.82
CA VAL B 41 9.53 12.77 28.82
C VAL B 41 9.49 13.75 29.98
N THR B 42 9.52 15.04 29.64
CA THR B 42 9.53 16.11 30.63
C THR B 42 8.29 16.12 31.51
N GLU B 43 7.16 15.68 30.97
CA GLU B 43 5.93 15.61 31.75
C GLU B 43 5.90 14.42 32.71
N LEU B 44 6.28 13.25 32.21
CA LEU B 44 6.37 12.06 33.04
C LEU B 44 7.36 12.27 34.18
N VAL B 45 8.50 12.88 33.85
CA VAL B 45 9.51 13.18 34.87
C VAL B 45 8.97 14.18 35.88
N ARG B 46 8.18 15.13 35.40
CA ARG B 46 7.56 16.12 36.27
C ARG B 46 6.65 15.44 37.29
N ARG B 47 6.21 14.24 36.97
CA ARG B 47 5.27 13.52 37.83
C ARG B 47 5.98 12.47 38.70
N GLY B 48 7.29 12.62 38.86
CA GLY B 48 8.05 11.75 39.74
C GLY B 48 8.56 10.45 39.14
N HIS B 49 8.29 10.22 37.87
CA HIS B 49 8.80 9.03 37.20
C HIS B 49 10.27 9.23 36.81
N ARG B 50 10.95 8.14 36.46
CA ARG B 50 12.34 8.18 36.06
C ARG B 50 12.49 7.58 34.67
N VAL B 51 13.14 8.30 33.76
CA VAL B 51 13.19 7.89 32.36
C VAL B 51 14.58 7.53 31.84
N SER B 52 14.69 6.33 31.27
CA SER B 52 15.86 5.95 30.49
C SER B 52 15.52 6.09 29.01
N TYR B 53 16.43 6.69 28.24
CA TYR B 53 16.17 6.98 26.84
C TYR B 53 17.28 6.48 25.92
N VAL B 54 16.96 5.55 25.03
CA VAL B 54 17.94 5.04 24.07
C VAL B 54 18.14 5.99 22.90
N THR B 55 19.35 6.50 22.75
CA THR B 55 19.64 7.46 21.70
C THR B 55 21.14 7.55 21.43
N ALA B 56 21.50 8.25 20.36
CA ALA B 56 22.90 8.31 19.92
C ALA B 56 23.29 9.72 19.46
N GLY B 57 24.58 10.03 19.58
CA GLY B 57 25.12 11.28 19.07
C GLY B 57 24.58 12.54 19.71
N GLY B 58 24.47 13.59 18.91
CA GLY B 58 24.06 14.89 19.40
C GLY B 58 22.66 14.93 19.97
N PHE B 59 21.89 13.87 19.72
CA PHE B 59 20.54 13.78 20.26
C PHE B 59 20.56 13.58 21.77
N ALA B 60 21.70 13.10 22.27
CA ALA B 60 21.88 12.89 23.71
C ALA B 60 21.70 14.20 24.47
N GLU B 61 22.04 15.31 23.84
CA GLU B 61 22.05 16.61 24.50
C GLU B 61 20.64 17.11 24.86
N PRO B 62 19.72 17.14 23.88
CA PRO B 62 18.34 17.57 24.15
C PRO B 62 17.57 16.54 24.99
N VAL B 63 17.95 15.27 24.85
CA VAL B 63 17.29 14.21 25.59
C VAL B 63 17.60 14.33 27.09
N ARG B 64 18.86 14.61 27.41
CA ARG B 64 19.25 14.84 28.80
C ARG B 64 18.57 16.09 29.36
N ALA B 65 18.35 17.07 28.49
CA ALA B 65 17.70 18.32 28.87
C ALA B 65 16.22 18.14 29.16
N ALA B 66 15.60 17.14 28.56
CA ALA B 66 14.20 16.86 28.80
C ALA B 66 14.00 16.12 30.13
N GLY B 67 15.11 15.69 30.73
CA GLY B 67 15.09 15.09 32.05
C GLY B 67 15.43 13.61 32.09
N ALA B 68 15.63 13.02 30.91
CA ALA B 68 15.86 11.59 30.79
C ALA B 68 17.35 11.25 30.88
N THR B 69 17.64 10.07 31.44
CA THR B 69 19.00 9.55 31.43
C THR B 69 19.25 8.83 30.11
N VAL B 70 20.37 9.15 29.47
CA VAL B 70 20.66 8.64 28.13
C VAL B 70 21.34 7.27 28.13
N VAL B 71 20.78 6.35 27.36
CA VAL B 71 21.39 5.05 27.11
C VAL B 71 21.93 5.01 25.68
N PRO B 72 23.23 5.28 25.50
CA PRO B 72 23.83 5.36 24.18
C PRO B 72 23.85 4.04 23.44
N TYR B 73 23.81 4.10 22.11
CA TYR B 73 23.98 2.93 21.25
C TYR B 73 24.69 3.36 19.97
N GLN B 74 25.22 2.39 19.23
CA GLN B 74 25.91 2.70 17.98
C GLN B 74 24.96 2.69 16.79
N SER B 75 24.74 3.86 16.21
CA SER B 75 23.78 4.00 15.12
C SER B 75 24.45 4.14 13.76
N GLU B 76 23.88 3.49 12.75
CA GLU B 76 24.30 3.72 11.37
C GLU B 76 23.48 4.86 10.77
N ILE B 77 22.17 4.79 10.95
CA ILE B 77 21.25 5.69 10.27
C ILE B 77 21.51 7.17 10.55
N ILE B 78 22.10 7.47 11.71
CA ILE B 78 22.33 8.85 12.13
C ILE B 78 23.03 9.69 11.06
N ASP B 79 24.03 9.11 10.40
CA ASP B 79 24.75 9.82 9.36
C ASP B 79 24.72 9.13 8.00
N ALA B 80 23.76 8.21 7.83
CA ALA B 80 23.54 7.59 6.54
C ALA B 80 22.81 8.59 5.64
N ASP B 81 23.10 8.54 4.34
CA ASP B 81 22.38 9.36 3.38
C ASP B 81 21.21 8.56 2.83
N ALA B 82 20.01 8.95 3.24
CA ALA B 82 18.79 8.22 2.87
C ALA B 82 18.69 7.98 1.37
N ALA B 83 18.81 9.04 0.59
CA ALA B 83 18.70 8.93 -0.86
C ALA B 83 19.67 7.90 -1.40
N GLU B 84 20.89 7.92 -0.88
CA GLU B 84 21.96 7.05 -1.36
C GLU B 84 21.76 5.60 -0.93
N VAL B 85 21.21 5.40 0.27
CA VAL B 85 20.94 4.07 0.78
C VAL B 85 19.86 3.37 -0.03
N PHE B 86 18.77 4.08 -0.31
CA PHE B 86 17.66 3.52 -1.07
C PHE B 86 17.96 3.45 -2.57
N GLY B 87 19.13 3.95 -2.95
CA GLY B 87 19.54 3.95 -4.35
C GLY B 87 20.45 2.78 -4.71
N SER B 88 21.21 2.30 -3.72
CA SER B 88 22.20 1.26 -3.95
C SER B 88 21.72 0.15 -4.88
N ASP B 89 20.68 -0.57 -4.47
CA ASP B 89 20.18 -1.70 -5.24
C ASP B 89 18.69 -1.56 -5.51
N ASP B 90 18.16 -2.42 -6.37
CA ASP B 90 16.79 -2.26 -6.87
C ASP B 90 15.73 -3.00 -6.06
N LEU B 91 16.17 -3.77 -5.06
CA LEU B 91 15.25 -4.54 -4.23
C LEU B 91 15.12 -3.94 -2.83
N GLY B 92 16.03 -3.03 -2.48
CA GLY B 92 16.02 -2.40 -1.18
C GLY B 92 16.63 -3.31 -0.12
N VAL B 93 17.51 -4.20 -0.54
CA VAL B 93 18.20 -5.09 0.40
C VAL B 93 19.03 -4.30 1.41
N ARG B 94 19.71 -3.26 0.94
CA ARG B 94 20.55 -2.45 1.82
C ARG B 94 19.75 -1.73 2.90
N PRO B 95 18.63 -1.08 2.52
CA PRO B 95 17.74 -0.50 3.53
C PRO B 95 17.27 -1.55 4.54
N HIS B 96 16.70 -2.65 4.05
CA HIS B 96 16.13 -3.67 4.94
C HIS B 96 17.15 -4.20 5.95
N LEU B 97 18.36 -4.48 5.48
CA LEU B 97 19.37 -5.08 6.34
C LEU B 97 19.95 -4.08 7.33
N MSE B 98 19.95 -2.81 6.95
CA MSE B 98 20.39 -1.77 7.87
C MSE B 98 19.34 -1.61 8.96
O MSE B 98 19.66 -1.35 10.12
CB MSE B 98 20.59 -0.45 7.13
CG MSE B 98 21.04 0.67 8.04
SE MSE B 98 21.44 2.29 7.03
CE MSE B 98 23.07 1.71 6.15
N TYR B 99 18.09 -1.79 8.57
CA TYR B 99 16.99 -1.77 9.51
C TYR B 99 17.20 -2.76 10.64
N LEU B 100 17.43 -4.03 10.30
CA LEU B 100 17.64 -5.06 11.32
C LEU B 100 18.85 -4.74 12.18
N ARG B 101 19.94 -4.32 11.55
CA ARG B 101 21.16 -3.98 12.28
C ARG B 101 20.92 -2.88 13.32
N GLU B 102 20.19 -1.82 12.93
CA GLU B 102 19.89 -0.74 13.86
C GLU B 102 19.08 -1.27 15.04
N ASN B 103 18.14 -2.16 14.74
CA ASN B 103 17.35 -2.81 15.78
C ASN B 103 18.19 -3.69 16.71
N VAL B 104 19.12 -4.44 16.12
CA VAL B 104 20.00 -5.32 16.88
C VAL B 104 20.98 -4.51 17.71
N SER B 105 21.54 -3.47 17.10
CA SER B 105 22.45 -2.58 17.80
C SER B 105 21.76 -1.92 19.00
N VAL B 106 20.48 -1.58 18.84
CA VAL B 106 19.68 -0.98 19.92
C VAL B 106 19.32 -2.00 21.00
N LEU B 107 18.97 -3.21 20.57
CA LEU B 107 18.65 -4.30 21.49
C LEU B 107 19.82 -4.64 22.42
N ARG B 108 21.01 -4.80 21.84
CA ARG B 108 22.19 -5.21 22.61
C ARG B 108 22.66 -4.15 23.61
N ALA B 109 22.50 -2.89 23.24
CA ALA B 109 22.97 -1.78 24.06
C ALA B 109 22.06 -1.49 25.25
N THR B 110 20.76 -1.72 25.04
CA THR B 110 19.78 -1.46 26.07
C THR B 110 19.82 -2.57 27.12
N ALA B 111 19.91 -3.81 26.66
CA ALA B 111 19.99 -4.95 27.56
C ALA B 111 21.22 -4.81 28.46
N GLU B 112 22.38 -4.53 27.85
CA GLU B 112 23.61 -4.34 28.62
C GLU B 112 23.44 -3.29 29.71
N ALA B 113 22.90 -2.14 29.33
CA ALA B 113 22.76 -1.02 30.24
C ALA B 113 21.76 -1.27 31.36
N LEU B 114 20.63 -1.90 31.02
CA LEU B 114 19.50 -1.97 31.95
C LEU B 114 19.11 -3.40 32.36
N ASP B 115 20.00 -4.37 32.16
CA ASP B 115 19.74 -5.72 32.62
C ASP B 115 19.70 -5.78 34.14
N GLY B 116 20.44 -4.87 34.77
CA GLY B 116 20.48 -4.79 36.22
C GLY B 116 19.60 -3.68 36.77
N ASP B 117 18.97 -2.95 35.86
CA ASP B 117 18.05 -1.87 36.24
C ASP B 117 16.77 -1.97 35.42
N VAL B 118 16.09 -3.11 35.54
CA VAL B 118 14.91 -3.40 34.74
C VAL B 118 13.82 -2.35 34.89
N PRO B 119 13.36 -1.79 33.75
CA PRO B 119 12.26 -0.83 33.71
C PRO B 119 10.94 -1.51 34.00
N ASP B 120 9.96 -0.74 34.46
CA ASP B 120 8.63 -1.26 34.72
C ASP B 120 7.77 -1.15 33.47
N LEU B 121 8.25 -0.35 32.52
CA LEU B 121 7.50 -0.04 31.32
C LEU B 121 8.45 0.21 30.15
N VAL B 122 8.30 -0.57 29.09
CA VAL B 122 9.09 -0.40 27.88
C VAL B 122 8.26 0.32 26.83
N LEU B 123 8.70 1.52 26.44
CA LEU B 123 8.06 2.27 25.36
C LEU B 123 8.98 2.33 24.14
N TYR B 124 8.45 1.97 22.97
CA TYR B 124 9.28 1.87 21.77
C TYR B 124 8.62 2.47 20.53
N ASP B 125 9.37 3.29 19.81
CA ASP B 125 8.92 3.84 18.53
C ASP B 125 8.69 2.72 17.50
N ASP B 126 7.94 3.02 16.45
CA ASP B 126 7.69 2.05 15.38
C ASP B 126 8.98 1.42 14.89
N PHE B 127 9.99 2.24 14.67
CA PHE B 127 11.24 1.80 14.04
C PHE B 127 11.93 0.67 14.82
N PRO B 128 12.22 0.89 16.12
CA PRO B 128 12.87 -0.16 16.89
C PRO B 128 11.88 -1.16 17.50
N PHE B 129 10.75 -1.41 16.84
CA PHE B 129 9.71 -2.26 17.43
C PHE B 129 10.12 -3.71 17.63
N ILE B 130 11.07 -4.19 16.83
CA ILE B 130 11.61 -5.53 17.05
C ILE B 130 12.39 -5.55 18.35
N ALA B 131 13.30 -4.59 18.53
CA ALA B 131 14.04 -4.46 19.77
C ALA B 131 13.09 -4.24 20.93
N GLY B 132 12.00 -3.53 20.67
CA GLY B 132 11.02 -3.23 21.69
C GLY B 132 10.29 -4.46 22.19
N GLN B 133 9.84 -5.30 21.27
CA GLN B 133 9.10 -6.49 21.66
C GLN B 133 10.03 -7.44 22.40
N LEU B 134 11.22 -7.62 21.87
CA LEU B 134 12.23 -8.49 22.46
C LEU B 134 12.63 -8.03 23.86
N LEU B 135 12.77 -6.73 24.06
CA LEU B 135 13.12 -6.20 25.38
C LEU B 135 12.00 -6.47 26.38
N ALA B 136 10.77 -6.18 25.97
CA ALA B 136 9.62 -6.40 26.84
C ALA B 136 9.50 -7.87 27.22
N ALA B 137 9.71 -8.76 26.24
CA ALA B 137 9.64 -10.19 26.48
C ALA B 137 10.78 -10.65 27.40
N ARG B 138 11.98 -10.15 27.14
CA ARG B 138 13.16 -10.49 27.93
C ARG B 138 12.95 -10.16 29.41
N TRP B 139 12.33 -9.03 29.69
CA TRP B 139 12.18 -8.58 31.06
C TRP B 139 10.79 -8.89 31.62
N ARG B 140 9.95 -9.50 30.80
CA ARG B 140 8.56 -9.72 31.17
C ARG B 140 7.93 -8.41 31.65
N ARG B 141 7.88 -7.43 30.75
CA ARG B 141 7.34 -6.11 31.08
C ARG B 141 6.29 -5.67 30.08
N PRO B 142 5.31 -4.90 30.55
CA PRO B 142 4.29 -4.31 29.67
C PRO B 142 4.97 -3.35 28.69
N ALA B 143 4.41 -3.21 27.51
CA ALA B 143 5.01 -2.38 26.48
C ALA B 143 4.05 -1.33 25.95
N VAL B 144 4.61 -0.25 25.41
CA VAL B 144 3.85 0.81 24.77
C VAL B 144 4.54 1.18 23.47
N ARG B 145 3.77 1.34 22.40
CA ARG B 145 4.33 1.72 21.11
C ARG B 145 4.07 3.19 20.83
N LEU B 146 5.06 3.85 20.23
CA LEU B 146 4.93 5.26 19.87
C LEU B 146 4.98 5.43 18.37
N SER B 147 4.06 6.18 17.81
CA SER B 147 4.00 6.49 16.40
C SER B 147 4.07 7.96 16.07
N ALA B 148 5.08 8.35 15.35
CA ALA B 148 5.24 9.73 15.00
C ALA B 148 4.69 10.05 13.63
N ALA B 149 4.32 9.00 12.92
CA ALA B 149 3.60 9.09 11.70
C ALA B 149 2.23 8.47 11.89
N PHE B 150 1.71 7.83 10.85
CA PHE B 150 0.43 7.15 10.90
C PHE B 150 0.54 5.90 11.72
N ALA B 151 -0.48 5.61 12.51
CA ALA B 151 -0.55 4.37 13.28
C ALA B 151 -1.03 3.21 12.40
N SER B 152 -0.75 1.98 12.85
CA SER B 152 -1.15 0.81 12.09
C SER B 152 -2.00 -0.15 12.93
N ASN B 153 -3.02 -0.71 12.30
CA ASN B 153 -3.79 -1.78 12.93
C ASN B 153 -4.16 -2.85 11.91
N GLU B 154 -5.17 -3.66 12.22
CA GLU B 154 -5.56 -4.76 11.34
C GLU B 154 -6.09 -4.27 9.99
N HIS B 155 -6.55 -3.02 9.95
CA HIS B 155 -7.13 -2.47 8.73
C HIS B 155 -6.12 -1.72 7.89
N TYR B 156 -5.25 -0.95 8.54
CA TYR B 156 -4.30 -0.12 7.82
C TYR B 156 -2.87 -0.32 8.31
N SER B 157 -1.97 -0.57 7.37
CA SER B 157 -0.55 -0.73 7.67
C SER B 157 0.28 0.40 7.07
N PHE B 158 0.79 1.27 7.93
CA PHE B 158 1.67 2.32 7.48
C PHE B 158 2.93 1.71 6.85
N SER B 159 3.30 0.53 7.32
CA SER B 159 4.48 -0.16 6.82
C SER B 159 4.27 -0.64 5.40
N GLN B 160 3.16 -1.33 5.16
CA GLN B 160 2.93 -1.92 3.85
C GLN B 160 3.01 -0.90 2.73
N ASP B 161 2.28 0.20 2.85
CA ASP B 161 2.30 1.18 1.77
C ASP B 161 3.59 1.99 1.77
N MSE B 162 4.41 1.82 2.81
CA MSE B 162 5.80 2.27 2.78
C MSE B 162 6.54 1.45 1.73
O MSE B 162 7.13 2.01 0.81
CB MSE B 162 6.48 2.02 4.14
CG MSE B 162 6.28 3.12 5.17
SE MSE B 162 6.86 4.88 4.56
CE MSE B 162 7.45 5.61 6.25
N VAL B 163 6.52 0.14 1.90
CA VAL B 163 7.12 -0.78 0.93
C VAL B 163 6.57 -0.48 -0.45
N THR B 164 5.25 -0.51 -0.55
CA THR B 164 4.55 -0.31 -1.81
C THR B 164 5.01 0.95 -2.54
N LEU B 165 4.97 2.08 -1.86
CA LEU B 165 5.35 3.36 -2.45
C LEU B 165 6.84 3.44 -2.76
N ALA B 166 7.64 2.79 -1.92
CA ALA B 166 9.10 2.84 -2.06
C ALA B 166 9.57 1.95 -3.20
N GLY B 167 8.79 0.92 -3.52
CA GLY B 167 9.14 0.01 -4.59
C GLY B 167 10.06 -1.11 -4.16
N THR B 168 10.35 -1.18 -2.86
CA THR B 168 11.21 -2.23 -2.34
C THR B 168 10.50 -3.58 -2.23
N ILE B 169 11.29 -4.63 -2.03
CA ILE B 169 10.77 -5.97 -1.80
C ILE B 169 10.17 -6.04 -0.39
N ASP B 170 9.10 -6.83 -0.23
CA ASP B 170 8.58 -7.09 1.10
C ASP B 170 9.71 -7.68 1.93
N PRO B 171 9.94 -7.12 3.13
CA PRO B 171 11.02 -7.60 4.00
C PRO B 171 10.99 -9.11 4.21
N LEU B 172 9.80 -9.68 4.35
CA LEU B 172 9.66 -11.11 4.56
C LEU B 172 9.78 -11.94 3.28
N ASP B 173 9.78 -11.28 2.13
CA ASP B 173 10.06 -11.95 0.87
C ASP B 173 11.56 -12.02 0.62
N LEU B 174 12.33 -11.44 1.54
CA LEU B 174 13.78 -11.37 1.40
C LEU B 174 14.45 -12.39 2.33
N PRO B 175 14.76 -13.58 1.80
CA PRO B 175 15.26 -14.73 2.55
C PRO B 175 16.28 -14.37 3.64
N VAL B 176 17.27 -13.55 3.30
CA VAL B 176 18.31 -13.20 4.28
C VAL B 176 17.76 -12.37 5.44
N PHE B 177 16.79 -11.51 5.15
CA PHE B 177 16.15 -10.70 6.18
C PHE B 177 15.32 -11.59 7.09
N ARG B 178 14.54 -12.47 6.48
CA ARG B 178 13.68 -13.38 7.21
C ARG B 178 14.47 -14.27 8.17
N ASP B 179 15.57 -14.84 7.68
CA ASP B 179 16.39 -15.75 8.48
C ASP B 179 17.11 -15.04 9.61
N THR B 180 17.59 -13.83 9.33
CA THR B 180 18.24 -13.03 10.35
C THR B 180 17.27 -12.78 11.50
N LEU B 181 16.03 -12.47 11.14
CA LEU B 181 14.99 -12.21 12.12
C LEU B 181 14.57 -13.48 12.86
N ARG B 182 14.31 -14.55 12.11
CA ARG B 182 13.97 -15.82 12.72
C ARG B 182 15.02 -16.26 13.74
N ASP B 183 16.29 -16.10 13.39
CA ASP B 183 17.37 -16.47 14.30
C ASP B 183 17.40 -15.55 15.50
N LEU B 184 16.95 -14.32 15.31
CA LEU B 184 16.95 -13.32 16.38
C LEU B 184 15.86 -13.65 17.40
N LEU B 185 14.65 -13.94 16.92
CA LEU B 185 13.56 -14.33 17.79
C LEU B 185 13.89 -15.63 18.51
N ALA B 186 14.41 -16.59 17.77
CA ALA B 186 14.81 -17.88 18.33
C ALA B 186 15.84 -17.71 19.44
N GLU B 187 16.90 -16.96 19.14
CA GLU B 187 17.95 -16.69 20.11
C GLU B 187 17.37 -16.13 21.40
N HIS B 188 16.62 -15.04 21.30
CA HIS B 188 16.03 -14.40 22.47
C HIS B 188 14.77 -15.11 22.97
N GLY B 189 14.47 -16.27 22.38
CA GLY B 189 13.41 -17.13 22.87
C GLY B 189 12.00 -16.55 22.92
N LEU B 190 11.79 -15.42 22.24
CA LEU B 190 10.45 -14.85 22.17
C LEU B 190 9.49 -15.85 21.53
N SER B 191 8.42 -16.17 22.24
CA SER B 191 7.47 -17.18 21.77
C SER B 191 6.50 -16.62 20.72
N ARG B 192 7.04 -15.88 19.76
CA ARG B 192 6.22 -15.29 18.71
C ARG B 192 6.81 -15.61 17.34
N SER B 193 5.96 -15.96 16.38
CA SER B 193 6.43 -16.30 15.03
C SER B 193 6.84 -15.05 14.28
N VAL B 194 7.68 -15.21 13.26
CA VAL B 194 8.19 -14.06 12.52
C VAL B 194 7.08 -13.14 12.02
N VAL B 195 6.06 -13.73 11.42
CA VAL B 195 4.93 -12.96 10.89
C VAL B 195 4.11 -12.29 12.00
N ASP B 196 3.84 -13.02 13.08
CA ASP B 196 3.11 -12.47 14.23
C ASP B 196 3.92 -11.35 14.87
N CYS B 197 5.23 -11.51 14.85
CA CYS B 197 6.13 -10.51 15.39
C CYS B 197 6.07 -9.24 14.55
N TRP B 198 6.24 -9.41 13.25
CA TRP B 198 6.29 -8.29 12.32
C TRP B 198 4.98 -7.51 12.32
N ASN B 199 3.88 -8.21 12.60
CA ASN B 199 2.56 -7.61 12.56
C ASN B 199 1.92 -7.47 13.95
N HIS B 200 2.76 -7.38 14.97
CA HIS B 200 2.31 -7.33 16.35
C HIS B 200 1.75 -5.97 16.74
N VAL B 201 0.52 -5.96 17.23
CA VAL B 201 -0.13 -4.75 17.71
C VAL B 201 0.01 -4.65 19.23
N GLU B 202 0.65 -3.58 19.69
CA GLU B 202 0.88 -3.41 21.12
C GLU B 202 -0.42 -3.08 21.87
N GLN B 203 -0.41 -3.30 23.19
CA GLN B 203 -1.61 -3.09 23.99
C GLN B 203 -1.92 -1.61 24.21
N LEU B 204 -0.88 -0.77 24.20
CA LEU B 204 -1.08 0.65 24.24
C LEU B 204 -0.21 1.33 23.18
N ASN B 205 -0.78 2.32 22.50
CA ASN B 205 -0.06 3.07 21.49
C ASN B 205 -0.28 4.56 21.63
N LEU B 206 0.82 5.31 21.80
CA LEU B 206 0.75 6.76 21.78
C LEU B 206 1.06 7.27 20.39
N VAL B 207 0.09 7.95 19.76
CA VAL B 207 0.25 8.42 18.39
C VAL B 207 0.27 9.95 18.35
N PHE B 208 1.22 10.52 17.61
CA PHE B 208 1.41 11.97 17.63
C PHE B 208 0.67 12.73 16.51
N VAL B 209 -0.55 12.29 16.23
CA VAL B 209 -1.47 13.01 15.34
C VAL B 209 -2.89 12.93 15.92
N PRO B 210 -3.77 13.84 15.51
CA PRO B 210 -5.17 13.74 15.93
C PRO B 210 -5.85 12.54 15.25
N LYS B 211 -6.84 11.93 15.90
CA LYS B 211 -7.53 10.82 15.28
C LYS B 211 -8.18 11.26 13.99
N ALA B 212 -8.61 12.52 13.95
CA ALA B 212 -9.26 13.08 12.77
C ALA B 212 -8.36 13.02 11.54
N PHE B 213 -7.04 13.09 11.76
CA PHE B 213 -6.09 13.10 10.67
C PHE B 213 -5.64 11.70 10.29
N GLN B 214 -5.64 10.79 11.26
CA GLN B 214 -5.21 9.41 11.04
C GLN B 214 -5.99 8.77 9.91
N ILE B 215 -5.28 8.07 9.03
CA ILE B 215 -5.93 7.32 7.97
C ILE B 215 -6.77 6.19 8.57
N ALA B 216 -8.03 6.11 8.18
CA ALA B 216 -8.95 5.11 8.71
C ALA B 216 -9.02 5.21 10.22
N GLY B 217 -8.84 6.43 10.73
CA GLY B 217 -8.80 6.67 12.17
C GLY B 217 -10.00 6.17 12.94
N ASP B 218 -11.14 6.04 12.28
CA ASP B 218 -12.35 5.57 12.96
C ASP B 218 -12.26 4.10 13.34
N THR B 219 -11.25 3.41 12.82
CA THR B 219 -11.13 1.97 13.02
C THR B 219 -10.21 1.61 14.20
N PHE B 220 -9.52 2.60 14.75
CA PHE B 220 -8.58 2.35 15.83
C PHE B 220 -9.27 2.32 17.20
N ASP B 221 -9.02 1.26 17.96
CA ASP B 221 -9.71 1.06 19.22
C ASP B 221 -8.97 1.63 20.43
N ASP B 222 -9.39 1.19 21.62
CA ASP B 222 -8.88 1.72 22.89
C ASP B 222 -7.37 1.57 23.06
N ARG B 223 -6.78 0.61 22.36
CA ARG B 223 -5.34 0.41 22.43
C ARG B 223 -4.56 1.60 21.86
N PHE B 224 -5.27 2.50 21.17
CA PHE B 224 -4.65 3.64 20.52
C PHE B 224 -5.12 4.96 21.13
N VAL B 225 -4.16 5.82 21.43
CA VAL B 225 -4.43 7.13 22.02
C VAL B 225 -3.81 8.25 21.18
N PHE B 226 -4.65 8.95 20.41
CA PHE B 226 -4.18 9.99 19.49
C PHE B 226 -3.98 11.33 20.19
N VAL B 227 -2.74 11.61 20.57
CA VAL B 227 -2.43 12.77 21.41
C VAL B 227 -1.98 13.99 20.60
N GLY B 228 -1.77 13.82 19.30
CA GLY B 228 -1.35 14.92 18.46
C GLY B 228 0.06 15.41 18.75
N PRO B 229 0.45 16.55 18.15
CA PRO B 229 1.80 17.09 18.29
C PRO B 229 2.13 17.46 19.73
N CYS B 230 3.33 17.10 20.17
CA CYS B 230 3.83 17.52 21.47
C CYS B 230 5.16 18.23 21.25
N PHE B 231 5.23 19.51 21.60
CA PHE B 231 6.46 20.27 21.33
C PHE B 231 6.79 21.39 22.31
N ASP B 232 7.98 21.94 22.12
CA ASP B 232 8.60 22.86 23.04
C ASP B 232 8.71 24.21 22.36
N ASP B 233 9.63 25.05 22.83
CA ASP B 233 10.08 26.19 22.05
C ASP B 233 11.24 25.73 21.18
N ARG B 234 11.84 24.62 21.59
CA ARG B 234 12.91 23.99 20.83
C ARG B 234 14.02 24.97 20.51
N ARG B 235 14.63 25.51 21.56
CA ARG B 235 15.71 26.48 21.41
C ARG B 235 16.98 25.81 20.88
N PHE B 236 17.07 24.49 21.02
CA PHE B 236 18.24 23.78 20.53
C PHE B 236 18.27 23.66 19.01
N LEU B 237 17.14 23.94 18.38
CA LEU B 237 17.07 24.04 16.92
C LEU B 237 17.31 25.49 16.52
N GLY B 238 17.81 26.28 17.46
CA GLY B 238 18.05 27.69 17.22
C GLY B 238 16.84 28.54 17.58
N GLU B 239 16.84 29.80 17.13
CA GLU B 239 15.69 30.67 17.33
C GLU B 239 15.42 31.54 16.11
N TRP B 240 14.19 32.01 15.99
CA TRP B 240 13.79 32.79 14.83
C TRP B 240 12.84 33.90 15.22
N THR B 241 13.09 35.10 14.71
CA THR B 241 12.29 36.26 15.06
C THR B 241 11.59 36.86 13.85
N ARG B 242 10.35 37.30 14.04
CA ARG B 242 9.56 37.93 12.98
C ARG B 242 10.40 38.90 12.17
N PRO B 243 10.18 38.94 10.85
CA PRO B 243 10.99 39.76 9.95
C PRO B 243 10.75 41.26 10.13
N ALA B 244 11.47 42.07 9.35
CA ALA B 244 11.34 43.51 9.42
C ALA B 244 10.35 44.02 8.38
N ASP B 245 10.33 43.37 7.22
CA ASP B 245 9.46 43.78 6.12
C ASP B 245 7.97 43.60 6.40
N ASP B 246 7.65 42.90 7.48
CA ASP B 246 6.26 42.66 7.85
C ASP B 246 5.43 42.07 6.71
N LEU B 247 6.04 41.21 5.91
CA LEU B 247 5.35 40.48 4.86
C LEU B 247 4.79 39.18 5.43
N PRO B 248 3.73 38.64 4.81
CA PRO B 248 3.22 37.34 5.25
C PRO B 248 4.38 36.35 5.18
N VAL B 249 4.48 35.45 6.16
CA VAL B 249 5.59 34.53 6.24
C VAL B 249 5.24 33.15 5.68
N VAL B 250 6.07 32.65 4.77
CA VAL B 250 5.93 31.30 4.26
C VAL B 250 7.11 30.45 4.71
N LEU B 251 6.83 29.37 5.44
CA LEU B 251 7.84 28.40 5.80
C LEU B 251 8.04 27.43 4.65
N VAL B 252 9.29 27.20 4.29
CA VAL B 252 9.61 26.28 3.20
C VAL B 252 10.69 25.32 3.66
N SER B 253 10.36 24.03 3.69
CA SER B 253 11.31 23.03 4.16
C SER B 253 11.11 21.69 3.47
N LEU B 254 12.21 20.95 3.34
CA LEU B 254 12.19 19.67 2.64
C LEU B 254 12.49 18.57 3.66
N GLY B 255 12.62 18.99 4.91
CA GLY B 255 12.84 18.07 6.03
C GLY B 255 14.30 17.80 6.36
N THR B 256 14.54 16.64 6.95
CA THR B 256 15.87 16.25 7.39
C THR B 256 16.38 15.02 6.62
N THR B 257 15.50 14.37 5.88
CA THR B 257 15.83 13.07 5.29
C THR B 257 16.21 13.11 3.81
N PHE B 258 15.26 13.45 2.95
CA PHE B 258 15.53 13.56 1.52
C PHE B 258 15.57 15.03 1.14
N ASN B 259 16.57 15.72 1.67
CA ASN B 259 16.63 17.17 1.62
C ASN B 259 17.83 17.73 0.84
N ASP B 260 18.53 16.85 0.11
CA ASP B 260 19.67 17.27 -0.69
C ASP B 260 19.22 17.80 -2.05
N ARG B 261 18.62 18.98 -2.06
CA ARG B 261 18.02 19.53 -3.28
C ARG B 261 18.26 21.02 -3.45
N PRO B 262 19.52 21.44 -3.60
CA PRO B 262 19.84 22.87 -3.78
C PRO B 262 19.03 23.47 -4.91
N GLY B 263 18.72 22.66 -5.91
CA GLY B 263 17.89 23.10 -7.02
C GLY B 263 16.52 23.60 -6.58
N PHE B 264 15.84 22.80 -5.77
CA PHE B 264 14.49 23.15 -5.30
C PHE B 264 14.51 24.48 -4.55
N PHE B 265 15.44 24.61 -3.60
CA PHE B 265 15.54 25.81 -2.79
C PHE B 265 15.92 27.04 -3.61
N ARG B 266 16.88 26.88 -4.50
CA ARG B 266 17.33 27.98 -5.34
C ARG B 266 16.22 28.49 -6.28
N ASP B 267 15.45 27.56 -6.81
CA ASP B 267 14.37 27.93 -7.73
C ASP B 267 13.25 28.59 -6.96
N CYS B 268 13.07 28.17 -5.71
CA CYS B 268 12.08 28.77 -4.84
C CYS B 268 12.45 30.22 -4.52
N ALA B 269 13.70 30.43 -4.10
CA ALA B 269 14.20 31.78 -3.83
C ALA B 269 14.01 32.71 -5.05
N ARG B 270 14.26 32.19 -6.24
CA ARG B 270 14.10 32.97 -7.46
C ARG B 270 12.65 33.40 -7.67
N ALA B 271 11.73 32.45 -7.55
CA ALA B 271 10.32 32.70 -7.85
C ALA B 271 9.68 33.72 -6.90
N PHE B 272 10.12 33.71 -5.64
CA PHE B 272 9.59 34.63 -4.64
C PHE B 272 10.37 35.94 -4.61
N ASP B 273 11.37 36.05 -5.47
CA ASP B 273 12.13 37.28 -5.59
C ASP B 273 11.21 38.43 -6.02
N GLY B 274 10.96 39.35 -5.09
CA GLY B 274 10.12 40.50 -5.39
C GLY B 274 8.64 40.25 -5.16
N GLN B 275 8.32 39.05 -4.67
CA GLN B 275 6.94 38.70 -4.34
C GLN B 275 6.58 39.17 -2.93
N PRO B 276 5.27 39.40 -2.69
CA PRO B 276 4.80 39.93 -1.40
C PRO B 276 4.79 38.86 -0.32
N TRP B 277 5.87 38.08 -0.23
CA TRP B 277 5.98 37.05 0.79
C TRP B 277 7.36 37.09 1.42
N HIS B 278 7.46 36.59 2.64
CA HIS B 278 8.75 36.44 3.30
C HIS B 278 9.02 34.97 3.53
N VAL B 279 10.06 34.45 2.88
CA VAL B 279 10.31 33.02 2.90
C VAL B 279 11.38 32.62 3.92
N VAL B 280 11.01 31.69 4.80
CA VAL B 280 11.99 31.11 5.71
C VAL B 280 12.34 29.70 5.24
N MSE B 281 13.54 29.54 4.72
CA MSE B 281 13.96 28.25 4.17
C MSE B 281 14.79 27.45 5.15
O MSE B 281 15.72 27.97 5.77
CB MSE B 281 14.68 28.43 2.84
CG MSE B 281 13.82 29.13 1.81
SE MSE B 281 14.32 28.70 -0.02
CE MSE B 281 16.15 29.39 0.00
N THR B 282 14.46 26.17 5.27
CA THR B 282 15.09 25.28 6.21
C THR B 282 15.79 24.13 5.48
N LEU B 283 17.10 24.03 5.63
CA LEU B 283 17.88 23.09 4.85
C LEU B 283 18.06 21.73 5.55
N GLY B 284 17.82 21.68 6.85
CA GLY B 284 17.79 20.43 7.57
C GLY B 284 19.10 19.65 7.57
N GLY B 285 20.21 20.35 7.51
CA GLY B 285 21.44 19.66 7.59
C GLY B 285 22.15 19.22 6.35
N GLN B 286 21.57 19.27 5.17
CA GLN B 286 22.31 18.85 3.98
C GLN B 286 23.02 19.96 3.24
N VAL B 287 22.25 20.75 2.54
CA VAL B 287 22.69 21.88 1.78
C VAL B 287 23.20 22.96 2.67
N ASP B 288 24.35 23.45 2.35
CA ASP B 288 24.90 24.59 3.05
C ASP B 288 24.30 25.85 2.45
N PRO B 289 23.81 26.75 3.31
CA PRO B 289 23.18 28.00 2.83
C PRO B 289 23.97 28.63 1.70
N ALA B 290 25.28 28.74 1.87
CA ALA B 290 26.13 29.38 0.86
C ALA B 290 25.99 28.74 -0.51
N ALA B 291 25.79 27.43 -0.55
CA ALA B 291 25.63 26.72 -1.82
C ALA B 291 24.41 27.18 -2.60
N LEU B 292 23.54 27.94 -1.95
CA LEU B 292 22.34 28.45 -2.63
C LEU B 292 22.68 29.69 -3.45
N GLY B 293 23.79 30.33 -3.11
CA GLY B 293 24.12 31.60 -3.71
C GLY B 293 23.32 32.70 -3.03
N ASP B 294 23.27 33.87 -3.66
CA ASP B 294 22.61 35.01 -3.04
C ASP B 294 21.09 34.93 -3.16
N LEU B 295 20.42 35.30 -2.08
CA LEU B 295 18.96 35.24 -2.00
C LEU B 295 18.37 36.64 -1.98
N PRO B 296 17.15 36.78 -2.48
CA PRO B 296 16.47 38.08 -2.37
C PRO B 296 16.33 38.46 -0.91
N PRO B 297 16.08 39.75 -0.61
CA PRO B 297 15.94 40.23 0.76
C PRO B 297 14.75 39.62 1.50
N ASN B 298 13.77 39.11 0.75
CA ASN B 298 12.57 38.55 1.35
C ASN B 298 12.66 37.04 1.50
N VAL B 299 13.84 36.50 1.23
CA VAL B 299 14.07 35.06 1.34
C VAL B 299 15.27 34.78 2.23
N GLU B 300 15.08 33.92 3.22
CA GLU B 300 16.20 33.55 4.09
C GLU B 300 16.38 32.04 4.13
N ALA B 301 17.56 31.60 4.54
CA ALA B 301 17.88 30.19 4.57
C ALA B 301 18.71 29.81 5.78
N HIS B 302 18.31 28.74 6.47
CA HIS B 302 19.02 28.26 7.64
C HIS B 302 19.27 26.77 7.53
N ARG B 303 20.33 26.29 8.17
CA ARG B 303 20.50 24.86 8.33
C ARG B 303 19.36 24.37 9.22
N TRP B 304 19.04 25.15 10.24
CA TRP B 304 18.00 24.78 11.20
C TRP B 304 17.36 26.01 11.81
N VAL B 305 16.03 26.03 11.84
CA VAL B 305 15.27 26.93 12.70
C VAL B 305 14.06 26.17 13.22
N PRO B 306 13.65 26.46 14.46
CA PRO B 306 12.46 25.83 15.04
C PRO B 306 11.22 26.10 14.18
N HIS B 307 10.72 25.07 13.50
CA HIS B 307 9.53 25.22 12.69
C HIS B 307 8.37 25.77 13.51
N VAL B 308 8.24 25.31 14.75
CA VAL B 308 7.14 25.77 15.61
C VAL B 308 7.22 27.28 15.83
N LYS B 309 8.43 27.82 15.77
CA LYS B 309 8.62 29.25 15.97
C LYS B 309 8.30 30.08 14.73
N VAL B 310 8.57 29.53 13.55
CA VAL B 310 8.20 30.20 12.31
C VAL B 310 6.70 30.08 12.10
N LEU B 311 6.19 28.87 12.26
CA LEU B 311 4.80 28.56 11.98
C LEU B 311 3.84 29.35 12.86
N GLU B 312 4.29 29.76 14.04
CA GLU B 312 3.47 30.57 14.92
C GLU B 312 3.12 31.91 14.29
N GLN B 313 4.07 32.47 13.53
CA GLN B 313 3.87 33.77 12.89
C GLN B 313 3.60 33.63 11.39
N ALA B 314 3.38 32.40 10.93
CA ALA B 314 3.32 32.13 9.50
C ALA B 314 1.93 32.32 8.88
N THR B 315 1.90 32.30 7.55
CA THR B 315 0.66 32.44 6.79
C THR B 315 0.42 31.19 5.95
N VAL B 316 1.49 30.63 5.43
CA VAL B 316 1.42 29.38 4.67
C VAL B 316 2.58 28.50 5.10
N CYS B 317 2.37 27.19 5.02
CA CYS B 317 3.45 26.26 5.26
C CYS B 317 3.72 25.40 4.03
N VAL B 318 4.93 25.54 3.50
CA VAL B 318 5.39 24.68 2.41
C VAL B 318 6.32 23.61 2.98
N THR B 319 5.91 22.35 2.87
CA THR B 319 6.64 21.25 3.47
C THR B 319 6.60 20.04 2.54
N HIS B 320 7.61 19.20 2.61
CA HIS B 320 7.64 18.01 1.78
C HIS B 320 6.56 17.02 2.22
N GLY B 321 6.14 17.13 3.48
CA GLY B 321 5.11 16.26 4.02
C GLY B 321 5.52 15.53 5.29
N GLY B 322 6.65 15.92 5.88
CA GLY B 322 7.06 15.33 7.14
C GLY B 322 5.99 15.54 8.18
N MSE B 323 5.69 14.51 8.96
CA MSE B 323 4.56 14.55 9.88
C MSE B 323 4.71 15.62 10.95
O MSE B 323 3.78 16.39 11.21
CB MSE B 323 4.33 13.18 10.52
CG MSE B 323 3.05 13.13 11.35
SE MSE B 323 1.43 13.27 10.26
CE MSE B 323 1.09 11.37 9.99
N GLY B 324 5.89 15.68 11.57
CA GLY B 324 6.18 16.68 12.58
C GLY B 324 5.88 18.09 12.08
N THR B 325 6.31 18.39 10.86
CA THR B 325 6.09 19.72 10.30
C THR B 325 4.61 19.97 9.99
N LEU B 326 3.93 18.95 9.45
CA LEU B 326 2.51 19.05 9.15
C LEU B 326 1.71 19.33 10.42
N MSE B 327 1.97 18.55 11.46
CA MSE B 327 1.20 18.68 12.69
C MSE B 327 1.49 20.00 13.39
O MSE B 327 0.60 20.59 14.02
CB MSE B 327 1.46 17.49 13.62
CG MSE B 327 0.93 16.16 13.09
SE MSE B 327 -0.94 16.16 12.54
CE MSE B 327 -0.74 16.42 10.62
N GLU B 328 2.72 20.48 13.28
CA GLU B 328 3.07 21.80 13.83
C GLU B 328 2.38 22.91 13.04
N ALA B 329 2.29 22.76 11.74
CA ALA B 329 1.63 23.74 10.90
C ALA B 329 0.13 23.77 11.22
N LEU B 330 -0.47 22.58 11.26
CA LEU B 330 -1.91 22.47 11.53
C LEU B 330 -2.26 22.93 12.94
N TYR B 331 -1.32 22.79 13.87
CA TYR B 331 -1.50 23.31 15.22
C TYR B 331 -1.87 24.79 15.19
N TRP B 332 -1.34 25.52 14.21
CA TRP B 332 -1.55 26.96 14.12
C TRP B 332 -2.55 27.35 13.03
N GLY B 333 -3.17 26.35 12.41
CA GLY B 333 -4.15 26.60 11.38
C GLY B 333 -3.55 27.23 10.13
N ARG B 334 -2.40 26.72 9.73
CA ARG B 334 -1.71 27.24 8.55
C ARG B 334 -2.05 26.42 7.31
N PRO B 335 -2.57 27.08 6.27
CA PRO B 335 -2.85 26.40 5.00
C PRO B 335 -1.58 25.74 4.50
N LEU B 336 -1.72 24.61 3.79
CA LEU B 336 -0.56 23.82 3.43
C LEU B 336 -0.25 23.78 1.94
N VAL B 337 1.03 23.69 1.62
CA VAL B 337 1.47 23.31 0.29
C VAL B 337 2.46 22.16 0.49
N VAL B 338 2.07 20.97 0.04
CA VAL B 338 2.89 19.80 0.25
C VAL B 338 3.64 19.41 -1.01
N VAL B 339 4.95 19.26 -0.89
CA VAL B 339 5.82 18.96 -2.03
C VAL B 339 6.56 17.65 -1.86
N PRO B 340 5.82 16.53 -1.83
CA PRO B 340 6.40 15.19 -1.58
C PRO B 340 7.49 14.86 -2.59
N GLN B 341 8.69 14.56 -2.11
CA GLN B 341 9.80 14.22 -2.98
C GLN B 341 10.24 12.77 -2.78
N SER B 342 9.69 12.12 -1.75
CA SER B 342 10.06 10.75 -1.43
C SER B 342 8.85 9.96 -0.95
N PHE B 343 8.99 8.64 -0.87
CA PHE B 343 7.89 7.74 -0.54
C PHE B 343 7.42 7.86 0.91
N ASP B 344 8.33 8.09 1.84
CA ASP B 344 8.02 7.99 3.26
C ASP B 344 7.02 9.06 3.69
N VAL B 345 6.77 10.00 2.79
CA VAL B 345 6.01 11.20 3.10
C VAL B 345 4.73 11.29 2.28
N GLN B 346 4.59 10.37 1.33
CA GLN B 346 3.46 10.40 0.39
C GLN B 346 2.08 10.11 1.01
N PRO B 347 2.01 9.20 1.99
CA PRO B 347 0.70 8.97 2.63
C PRO B 347 0.17 10.23 3.31
N MSE B 348 1.04 10.98 3.98
CA MSE B 348 0.67 12.25 4.59
C MSE B 348 0.15 13.21 3.54
O MSE B 348 -0.89 13.85 3.72
CB MSE B 348 1.86 12.89 5.31
CG MSE B 348 2.29 12.21 6.60
SE MSE B 348 3.17 10.48 6.33
CE MSE B 348 4.66 10.69 7.58
N ALA B 349 0.91 13.33 2.45
CA ALA B 349 0.55 14.24 1.38
C ALA B 349 -0.78 13.84 0.74
N ARG B 350 -1.00 12.54 0.63
CA ARG B 350 -2.26 12.02 0.09
C ARG B 350 -3.40 12.33 1.05
N ARG B 351 -3.13 12.23 2.35
CA ARG B 351 -4.14 12.49 3.36
C ARG B 351 -4.49 13.98 3.45
N VAL B 352 -3.49 14.84 3.29
CA VAL B 352 -3.72 16.27 3.30
C VAL B 352 -4.54 16.67 2.09
N ASP B 353 -4.27 16.05 0.96
CA ASP B 353 -4.97 16.35 -0.27
C ASP B 353 -6.44 15.96 -0.19
N GLN B 354 -6.71 14.81 0.44
CA GLN B 354 -8.07 14.30 0.48
C GLN B 354 -8.92 14.97 1.55
N LEU B 355 -8.26 15.53 2.57
CA LEU B 355 -8.94 16.30 3.59
C LEU B 355 -9.05 17.76 3.16
N GLY B 356 -8.46 18.08 2.02
CA GLY B 356 -8.51 19.42 1.46
C GLY B 356 -7.84 20.44 2.34
N LEU B 357 -6.75 20.03 2.99
CA LEU B 357 -6.04 20.90 3.92
C LEU B 357 -4.96 21.72 3.22
N GLY B 358 -4.79 21.48 1.93
CA GLY B 358 -3.80 22.21 1.17
C GLY B 358 -3.60 21.72 -0.25
N ALA B 359 -2.62 22.32 -0.92
CA ALA B 359 -2.27 21.94 -2.30
C ALA B 359 -1.08 21.01 -2.31
N VAL B 360 -1.14 19.99 -3.15
CA VAL B 360 -0.07 19.01 -3.19
C VAL B 360 0.62 19.00 -4.55
N LEU B 361 1.90 19.36 -4.55
CA LEU B 361 2.71 19.37 -5.77
C LEU B 361 3.77 18.28 -5.69
N PRO B 362 3.45 17.08 -6.19
CA PRO B 362 4.34 15.92 -6.06
C PRO B 362 5.59 16.03 -6.93
N GLY B 363 6.75 15.76 -6.33
CA GLY B 363 8.02 15.74 -7.04
C GLY B 363 8.26 16.89 -7.99
N GLU B 364 8.51 16.55 -9.26
CA GLU B 364 8.84 17.52 -10.30
C GLU B 364 7.93 18.74 -10.32
N LYS B 365 6.66 18.54 -10.00
CA LYS B 365 5.68 19.61 -10.09
C LYS B 365 5.94 20.79 -9.15
N ALA B 366 6.76 20.55 -8.13
CA ALA B 366 7.04 21.57 -7.13
C ALA B 366 8.14 22.55 -7.55
N ASP B 367 8.02 23.10 -8.77
CA ASP B 367 8.97 24.12 -9.21
C ASP B 367 8.64 25.46 -8.58
N GLY B 368 9.54 26.44 -8.72
CA GLY B 368 9.37 27.73 -8.09
C GLY B 368 8.07 28.45 -8.44
N ASP B 369 7.80 28.56 -9.74
CA ASP B 369 6.64 29.29 -10.20
C ASP B 369 5.34 28.63 -9.74
N THR B 370 5.25 27.31 -9.92
CA THR B 370 4.08 26.56 -9.49
C THR B 370 3.91 26.65 -7.99
N LEU B 371 5.03 26.67 -7.27
CA LEU B 371 5.02 26.80 -5.83
C LEU B 371 4.56 28.18 -5.37
N LEU B 372 4.77 29.19 -6.23
CA LEU B 372 4.36 30.55 -5.92
C LEU B 372 2.84 30.72 -6.07
N ALA B 373 2.28 30.13 -7.12
CA ALA B 373 0.85 30.19 -7.35
C ALA B 373 0.07 29.41 -6.29
N ALA B 374 0.65 28.29 -5.86
CA ALA B 374 0.02 27.47 -4.83
C ALA B 374 -0.01 28.19 -3.48
N VAL B 375 1.12 28.78 -3.10
CA VAL B 375 1.20 29.50 -1.83
C VAL B 375 0.14 30.58 -1.76
N GLY B 376 0.03 31.37 -2.82
CA GLY B 376 -0.95 32.43 -2.89
C GLY B 376 -2.36 31.88 -2.91
N ALA B 377 -2.56 30.79 -3.65
CA ALA B 377 -3.88 30.21 -3.82
C ALA B 377 -4.50 29.71 -2.51
N VAL B 378 -3.74 28.90 -1.77
CA VAL B 378 -4.24 28.33 -0.53
C VAL B 378 -4.40 29.41 0.55
N ALA B 379 -3.60 30.46 0.48
CA ALA B 379 -3.72 31.55 1.44
C ALA B 379 -4.98 32.37 1.22
N ALA B 380 -5.60 32.20 0.05
CA ALA B 380 -6.76 33.01 -0.32
C ALA B 380 -8.01 32.17 -0.55
N ASP B 381 -8.03 30.96 -0.01
CA ASP B 381 -9.17 30.07 -0.22
C ASP B 381 -9.98 29.95 1.05
N PRO B 382 -11.17 30.55 1.07
CA PRO B 382 -12.03 30.58 2.25
C PRO B 382 -12.49 29.19 2.67
N ALA B 383 -12.72 28.32 1.69
CA ALA B 383 -13.19 26.97 1.99
C ALA B 383 -12.06 26.12 2.57
N LEU B 384 -10.89 26.20 1.95
CA LEU B 384 -9.71 25.51 2.47
C LEU B 384 -9.41 25.99 3.90
N LEU B 385 -9.40 27.32 4.09
CA LEU B 385 -9.20 27.92 5.40
C LEU B 385 -10.26 27.48 6.41
N ALA B 386 -11.47 27.20 5.94
CA ALA B 386 -12.50 26.67 6.82
C ALA B 386 -12.10 25.28 7.31
N ARG B 387 -11.46 24.49 6.45
CA ARG B 387 -11.05 23.15 6.81
C ARG B 387 -9.81 23.14 7.68
N VAL B 388 -8.88 24.05 7.38
CA VAL B 388 -7.65 24.15 8.15
C VAL B 388 -7.93 24.60 9.59
N GLU B 389 -8.87 25.51 9.76
CA GLU B 389 -9.23 26.02 11.08
C GLU B 389 -9.90 24.93 11.92
N ALA B 390 -10.79 24.16 11.29
CA ALA B 390 -11.46 23.07 11.96
C ALA B 390 -10.47 21.99 12.40
N MSE B 391 -9.56 21.63 11.50
CA MSE B 391 -8.54 20.62 11.80
C MSE B 391 -7.67 21.08 12.95
O MSE B 391 -7.34 20.30 13.84
CB MSE B 391 -7.69 20.32 10.57
CG MSE B 391 -6.58 19.30 10.81
SE MSE B 391 -7.21 17.57 11.48
CE MSE B 391 -8.28 16.98 9.94
N ARG B 392 -7.30 22.36 12.92
CA ARG B 392 -6.56 22.93 14.03
C ARG B 392 -7.28 22.64 15.34
N GLY B 393 -8.61 22.71 15.31
CA GLY B 393 -9.44 22.42 16.46
C GLY B 393 -9.25 21.01 17.00
N HIS B 394 -9.13 20.03 16.09
CA HIS B 394 -8.91 18.65 16.50
C HIS B 394 -7.52 18.46 17.07
N VAL B 395 -6.54 19.13 16.48
CA VAL B 395 -5.17 19.10 16.97
C VAL B 395 -5.10 19.63 18.40
N ARG B 396 -5.83 20.70 18.67
CA ARG B 396 -5.85 21.31 19.99
C ARG B 396 -6.53 20.39 21.00
N ARG B 397 -7.70 19.88 20.63
CA ARG B 397 -8.46 19.00 21.51
C ARG B 397 -7.81 17.61 21.66
N ALA B 398 -6.72 17.40 20.91
CA ALA B 398 -5.93 16.19 21.05
C ALA B 398 -5.08 16.30 22.32
N GLY B 399 -4.80 15.16 22.95
CA GLY B 399 -4.16 15.15 24.24
C GLY B 399 -2.95 16.06 24.48
N GLY B 400 -1.89 15.84 23.72
CA GLY B 400 -0.62 16.51 23.99
C GLY B 400 0.18 15.70 25.01
N ALA B 401 1.27 16.27 25.48
CA ALA B 401 2.12 15.60 26.47
C ALA B 401 1.34 15.23 27.75
N ALA B 402 0.36 16.04 28.11
CA ALA B 402 -0.39 15.79 29.33
C ALA B 402 -1.22 14.51 29.22
N ARG B 403 -1.91 14.35 28.09
CA ARG B 403 -2.77 13.19 27.91
C ARG B 403 -1.99 11.91 27.67
N ALA B 404 -0.80 12.03 27.07
CA ALA B 404 0.05 10.86 26.89
C ALA B 404 0.47 10.33 28.25
N ALA B 405 1.04 11.21 29.08
CA ALA B 405 1.46 10.86 30.42
C ALA B 405 0.30 10.26 31.22
N ASP B 406 -0.90 10.75 30.99
CA ASP B 406 -2.09 10.19 31.65
C ASP B 406 -2.27 8.74 31.25
N ALA B 407 -2.27 8.48 29.94
CA ALA B 407 -2.39 7.13 29.42
C ALA B 407 -1.30 6.23 30.00
N VAL B 408 -0.06 6.70 29.96
CA VAL B 408 1.04 5.94 30.51
C VAL B 408 0.79 5.56 31.96
N GLU B 409 0.31 6.52 32.76
CA GLU B 409 0.08 6.29 34.18
C GLU B 409 -1.10 5.38 34.45
N ALA B 410 -2.12 5.45 33.60
CA ALA B 410 -3.27 4.56 33.70
C ALA B 410 -2.88 3.15 33.29
N TYR B 411 -1.96 3.06 32.33
CA TYR B 411 -1.45 1.78 31.85
C TYR B 411 -0.65 1.08 32.95
N LEU B 412 0.26 1.82 33.58
CA LEU B 412 1.00 1.32 34.74
C LEU B 412 0.03 0.71 35.74
N ALA B 413 -1.06 1.42 35.99
CA ALA B 413 -2.08 0.99 36.95
C ALA B 413 -2.60 -0.42 36.65
N ARG B 414 -3.00 -0.68 35.41
CA ARG B 414 -3.54 -1.98 35.05
C ARG B 414 -2.50 -3.08 35.07
N ALA B 415 -1.23 -2.70 35.14
CA ALA B 415 -0.12 -3.66 35.16
C ALA B 415 0.32 -3.99 36.58
PA TYD C . -6.42 -10.03 -18.47
O1A TYD C . -5.87 -10.71 -17.33
O2A TYD C . -5.51 -9.97 -19.50
O3A TYD C . -6.99 -8.62 -18.15
PB TYD C . -7.71 -7.98 -16.91
O1B TYD C . -6.72 -7.42 -16.07
O2B TYD C . -8.32 -6.96 -17.51
O3B TYD C . -8.68 -8.80 -16.34
O5' TYD C . -7.72 -10.72 -18.95
C5' TYD C . -8.56 -11.54 -18.19
C4' TYD C . -8.60 -12.92 -18.77
O4' TYD C . -9.00 -12.80 -20.11
C3' TYD C . -7.23 -13.57 -18.80
O3' TYD C . -7.25 -14.80 -18.13
C2' TYD C . -6.87 -13.70 -20.25
C1' TYD C . -8.21 -13.60 -20.92
N1 TYD C . -8.29 -12.99 -22.20
C2 TYD C . -8.31 -13.74 -23.34
O2 TYD C . -8.22 -14.93 -23.31
N3 TYD C . -8.39 -13.18 -24.52
C4 TYD C . -8.47 -11.89 -24.66
O4 TYD C . -8.56 -11.44 -25.76
C5 TYD C . -8.46 -11.08 -23.47
C5M TYD C . -8.57 -9.60 -23.48
C6 TYD C . -8.39 -11.70 -22.26
PA TYD D . 10.30 17.02 9.18
O1A TYD D . 9.06 16.42 9.60
O2A TYD D . 10.33 18.18 8.42
O3A TYD D . 11.18 15.99 8.34
PB TYD D . 11.45 14.47 8.29
O1B TYD D . 12.74 14.40 7.90
O2B TYD D . 10.63 14.04 7.24
O3B TYD D . 11.26 13.88 9.52
O5' TYD D . 11.30 17.22 10.34
C5' TYD D . 11.17 16.55 11.57
C4' TYD D . 10.98 17.48 12.72
O4' TYD D . 12.05 18.40 12.79
C3' TYD D . 9.71 18.26 12.66
O3' TYD D . 9.03 18.18 13.86
C2' TYD D . 10.14 19.68 12.40
C1' TYD D . 11.58 19.71 12.83
N1 TYD D . 12.49 20.57 12.11
C2 TYD D . 12.84 21.82 12.62
O2 TYD D . 12.37 22.22 13.64
N3 TYD D . 13.66 22.64 12.02
C4 TYD D . 14.19 22.29 10.89
O4 TYD D . 14.94 23.06 10.38
C5 TYD D . 13.88 20.99 10.32
C5M TYD D . 14.47 20.54 9.04
C6 TYD D . 13.02 20.18 10.99
#